data_5L7O
#
_entry.id   5L7O
#
_cell.length_a   305.586
_cell.length_b   305.586
_cell.length_c   796.486
_cell.angle_alpha   90.00
_cell.angle_beta   90.00
_cell.angle_gamma   120.00
#
_symmetry.space_group_name_H-M   'H 3'
#
loop_
_entity.id
_entity.type
_entity.pdbx_description
1 polymer 'Capsid protein'
2 polymer 'Capsid protein'
3 polymer 'Capsid protein'
#
loop_
_entity_poly.entity_id
_entity_poly.type
_entity_poly.pdbx_seq_one_letter_code
_entity_poly.pdbx_strand_id
1 'polypeptide(L)'
;VGFASAGTRDIRSSYVEGKFIPQDITGMSRNHELDEQPSQECIGERILSFSELIKRNSWRYVSDEKSLIYPAYAFDNPAA
MYTAADKLPVWTLTPRSGFPTLLTSIGAMYAFYRGGIRLKIVPGVADQPKPLVEVALFTMQDQGYIIKANDYSTDFCSSN
IYENFVTKGIAEVQTPYYSRVNTSVVSAPVLYNAGNISPLMPNVMYKITSNSSNILLGHSAADDFRFGFLLGAPLAISAT
ALRDNFTGSSATVSLPTFSNFYLSSTSESTT
;
A
2 'polypeptide(L)'
;LAVNNVNMKQMNVNSSQDTTFEQRSQEKVQAGEINESIEFRNQITTFVHDNPIITEQLIGDSPQPSGDVRSVSDARTHSI
IDFLERPQFIGSFLWNTSDIENKEIFSLKLPDALMSPMIREKLSGFTSFSASTVFHIQVNAHPFQCGRLVLAAVPVPDIL
PLHRLNMLSFDVSNVITLPHVQLDISKETEVLLKIPYVSPFVQYDLVTKFTPWAAFLAHVYAPLNTPSAASLQVNVFAHF
EDIKLGFPTSAIVAQ
;
B
3 'polypeptide(L)'
;SKPLTTIPPTIVVQRPSQYFNNADGVDQGLPLSLKYGNEVILKTPFAGTSSDEMALEYVLKIPNYFSRFKYSSTSLPKQV
LWTSPVHPQIIRNHVTVVDAPGQPTLLAYATGFFKYWRGGLVYTFRFVKTNYHSGRVQITFHPFVGYDDVMDSDGKIVRD
EYVYRVVVDLRDQTEATLVVPFTSLTPYKVCADVFNSANRPKYNYEPRDFKVYDNTTDQFFTGTLCVSALTPLVSSSAVV
SSTIDVLVEVKASDDFEVAVPNTPLWLPVDSLTERPSLDGVPIAQ
;
C
#
# COMPACT_ATOMS: atom_id res chain seq x y z
N ASP A 35 -12.91 -21.20 -11.86
CA ASP A 35 -12.28 -22.09 -12.88
C ASP A 35 -10.79 -21.78 -13.04
N GLU A 36 -9.94 -22.76 -12.83
CA GLU A 36 -8.49 -22.57 -12.92
C GLU A 36 -7.98 -23.11 -14.26
N GLN A 37 -8.87 -23.19 -15.23
CA GLN A 37 -8.51 -23.66 -16.57
C GLN A 37 -7.62 -22.66 -17.30
N PRO A 38 -8.07 -21.39 -17.44
CA PRO A 38 -7.25 -20.43 -18.16
C PRO A 38 -5.80 -20.45 -17.68
N SER A 39 -5.61 -20.30 -16.38
CA SER A 39 -4.26 -20.30 -15.79
C SER A 39 -3.42 -21.50 -16.21
N GLN A 40 -4.05 -22.64 -16.45
CA GLN A 40 -3.32 -23.81 -16.94
C GLN A 40 -3.21 -23.86 -18.45
N GLU A 41 -4.16 -23.28 -19.16
CA GLU A 41 -4.13 -23.33 -20.62
C GLU A 41 -3.22 -22.27 -21.23
N CYS A 42 -3.06 -21.14 -20.55
CA CYS A 42 -2.37 -19.98 -21.12
C CYS A 42 -1.10 -19.61 -20.37
N ILE A 43 -1.24 -19.43 -19.07
CA ILE A 43 -0.13 -18.94 -18.27
C ILE A 43 0.84 -20.08 -18.02
N GLY A 44 0.33 -21.20 -17.50
CA GLY A 44 1.20 -22.31 -17.06
C GLY A 44 1.57 -22.21 -15.58
N GLU A 45 1.13 -21.14 -14.92
CA GLU A 45 1.29 -20.96 -13.49
C GLU A 45 0.06 -20.24 -12.96
N ARG A 46 0.04 -20.00 -11.67
CA ARG A 46 -1.09 -19.34 -11.06
C ARG A 46 -0.62 -18.84 -9.71
N ILE A 47 -0.72 -17.53 -9.50
CA ILE A 47 -0.07 -16.92 -8.36
C ILE A 47 -1.11 -16.30 -7.44
N LEU A 48 -0.90 -16.45 -6.13
CA LEU A 48 -1.96 -16.23 -5.14
C LEU A 48 -1.61 -15.28 -4.00
N SER A 49 -0.33 -15.07 -3.75
CA SER A 49 0.11 -14.19 -2.69
C SER A 49 1.42 -13.53 -3.05
N PHE A 50 1.55 -12.27 -2.65
CA PHE A 50 2.79 -11.52 -2.86
C PHE A 50 3.96 -12.21 -2.17
N SER A 51 3.66 -12.93 -1.10
CA SER A 51 4.63 -13.80 -0.47
C SER A 51 5.40 -14.59 -1.52
N GLU A 52 4.69 -15.07 -2.53
CA GLU A 52 5.33 -15.80 -3.61
C GLU A 52 6.27 -14.87 -4.35
N LEU A 53 5.75 -13.73 -4.76
CA LEU A 53 6.51 -12.77 -5.56
C LEU A 53 7.79 -12.26 -4.90
N ILE A 54 7.70 -11.86 -3.63
CA ILE A 54 8.86 -11.21 -3.00
C ILE A 54 10.03 -12.16 -2.68
N LYS A 55 9.94 -13.42 -3.10
CA LYS A 55 11.08 -14.32 -3.04
C LYS A 55 11.88 -14.23 -4.32
N ARG A 56 11.37 -13.47 -5.29
CA ARG A 56 12.12 -13.14 -6.51
C ARG A 56 13.07 -12.00 -6.23
N ASN A 57 14.33 -12.22 -6.58
CA ASN A 57 15.37 -11.25 -6.31
C ASN A 57 15.33 -10.14 -7.33
N SER A 58 15.30 -8.93 -6.81
CA SER A 58 15.30 -7.72 -7.60
C SER A 58 16.49 -6.88 -7.13
N TRP A 59 16.96 -5.98 -8.00
CA TRP A 59 18.12 -5.15 -7.67
C TRP A 59 17.72 -3.90 -6.91
N ARG A 60 18.62 -3.44 -6.06
CA ARG A 60 18.33 -2.39 -5.08
C ARG A 60 19.21 -1.17 -5.27
N TYR A 61 20.51 -1.38 -5.33
CA TYR A 61 21.48 -0.30 -5.20
C TYR A 61 22.84 -0.71 -5.73
N VAL A 62 23.62 0.30 -6.15
CA VAL A 62 24.94 0.08 -6.71
C VAL A 62 25.98 0.78 -5.85
N SER A 63 27.19 0.25 -5.82
CA SER A 63 28.27 0.97 -5.15
C SER A 63 29.60 0.87 -5.87
N ASP A 64 30.44 1.86 -5.61
CA ASP A 64 31.79 1.96 -6.17
C ASP A 64 32.81 1.51 -5.15
N GLU A 65 32.34 1.26 -3.92
CA GLU A 65 33.24 0.97 -2.82
C GLU A 65 33.61 -0.50 -2.83
N LYS A 66 34.90 -0.75 -2.79
CA LYS A 66 35.41 -2.09 -2.60
C LYS A 66 34.85 -2.59 -1.27
N SER A 67 34.89 -1.72 -0.25
CA SER A 67 34.46 -2.09 1.09
C SER A 67 33.33 -1.18 1.60
N LEU A 68 32.14 -1.76 1.72
CA LEU A 68 30.92 -1.01 1.94
C LEU A 68 30.15 -1.49 3.17
N ILE A 69 29.53 -0.56 3.88
CA ILE A 69 28.58 -0.88 4.96
C ILE A 69 27.16 -0.64 4.45
N TYR A 70 26.38 -1.70 4.29
CA TYR A 70 24.99 -1.54 3.81
C TYR A 70 23.99 -1.87 4.93
N PRO A 71 22.89 -1.09 5.02
CA PRO A 71 21.84 -1.30 6.03
C PRO A 71 20.72 -2.25 5.57
N ALA A 72 20.93 -3.54 5.78
CA ALA A 72 20.11 -4.60 5.17
C ALA A 72 18.61 -4.28 5.14
N TYR A 73 18.09 -4.02 6.34
CA TYR A 73 16.65 -3.87 6.58
C TYR A 73 16.18 -2.43 6.39
N ALA A 74 16.94 -1.66 5.62
CA ALA A 74 16.42 -0.42 5.07
C ALA A 74 15.45 -0.77 3.96
N PHE A 75 14.23 -0.27 4.06
CA PHE A 75 13.20 -0.53 3.07
C PHE A 75 12.62 0.72 2.44
N ASP A 76 13.27 1.86 2.66
CA ASP A 76 12.85 3.11 2.06
C ASP A 76 12.91 3.06 0.55
N ASN A 77 12.27 4.04 -0.07
CA ASN A 77 12.36 4.24 -1.49
C ASN A 77 12.79 5.66 -1.77
N PRO A 78 13.12 5.97 -3.03
CA PRO A 78 13.57 7.32 -3.34
C PRO A 78 12.53 8.41 -3.12
N ALA A 79 13.01 9.65 -3.02
CA ALA A 79 12.16 10.82 -3.06
C ALA A 79 12.16 11.34 -4.49
N ALA A 80 11.00 11.77 -4.95
CA ALA A 80 10.77 12.05 -6.35
C ALA A 80 10.55 13.53 -6.61
N MET A 81 10.89 13.95 -7.82
CA MET A 81 10.67 15.33 -8.23
C MET A 81 10.23 15.44 -9.67
N TYR A 82 9.10 16.12 -9.86
CA TYR A 82 8.47 16.28 -11.15
C TYR A 82 8.57 17.73 -11.59
N THR A 83 8.56 17.95 -12.90
CA THR A 83 8.44 19.31 -13.45
C THR A 83 7.97 19.37 -14.89
N ALA A 84 7.31 20.49 -15.23
CA ALA A 84 6.81 20.74 -16.58
C ALA A 84 7.65 21.76 -17.36
N ALA A 85 8.53 22.50 -16.67
CA ALA A 85 9.26 23.63 -17.28
C ALA A 85 10.30 23.17 -18.30
N ASP A 86 10.46 23.97 -19.35
CA ASP A 86 11.35 23.63 -20.46
C ASP A 86 12.78 23.45 -20.01
N LYS A 87 13.53 22.69 -20.80
CA LYS A 87 14.93 22.40 -20.54
C LYS A 87 15.22 21.88 -19.13
N LEU A 88 14.27 21.15 -18.56
CA LEU A 88 14.47 20.50 -17.26
C LEU A 88 14.10 19.03 -17.35
N PRO A 89 14.90 18.14 -16.71
CA PRO A 89 14.52 16.73 -16.70
C PRO A 89 13.24 16.55 -15.89
N VAL A 90 12.28 15.83 -16.47
CA VAL A 90 10.92 15.83 -15.93
C VAL A 90 10.88 15.29 -14.51
N TRP A 91 11.39 14.07 -14.37
CA TRP A 91 11.46 13.38 -13.08
C TRP A 91 12.89 13.32 -12.60
N THR A 92 13.05 13.28 -11.28
CA THR A 92 14.36 13.10 -10.67
C THR A 92 14.22 12.41 -9.31
N LEU A 93 15.15 11.50 -9.02
CA LEU A 93 15.01 10.58 -7.90
C LEU A 93 16.18 10.55 -6.95
N THR A 94 15.90 10.83 -5.68
CA THR A 94 16.94 10.84 -4.65
C THR A 94 16.81 9.63 -3.72
N PRO A 95 17.63 8.59 -3.96
CA PRO A 95 17.55 7.40 -3.12
C PRO A 95 18.22 7.65 -1.79
N ARG A 96 17.58 7.29 -0.67
CA ARG A 96 18.23 7.39 0.63
C ARG A 96 19.01 6.11 0.94
N SER A 97 18.38 4.97 0.66
CA SER A 97 19.06 3.70 0.88
C SER A 97 18.93 2.74 -0.30
N GLY A 98 18.38 3.21 -1.41
CA GLY A 98 18.26 2.37 -2.59
C GLY A 98 16.97 2.59 -3.35
N PHE A 99 16.88 1.91 -4.48
CA PHE A 99 15.75 2.01 -5.40
C PHE A 99 14.76 0.89 -5.12
N PRO A 100 13.53 1.01 -5.63
CA PRO A 100 12.51 0.04 -5.28
C PRO A 100 12.76 -1.36 -5.84
N THR A 101 12.97 -2.31 -4.94
CA THR A 101 12.91 -3.73 -5.22
C THR A 101 11.46 -4.16 -5.19
N LEU A 102 11.18 -5.33 -5.72
CA LEU A 102 9.87 -5.96 -5.53
C LEU A 102 9.58 -5.88 -4.04
N LEU A 103 10.54 -6.39 -3.28
CA LEU A 103 10.46 -6.39 -1.83
C LEU A 103 9.88 -5.07 -1.31
N THR A 104 10.61 -3.97 -1.47
CA THR A 104 10.21 -2.68 -0.89
C THR A 104 8.91 -2.19 -1.51
N SER A 105 8.85 -2.23 -2.85
CA SER A 105 7.64 -1.86 -3.59
C SER A 105 6.40 -2.45 -2.95
N ILE A 106 6.44 -3.76 -2.68
CA ILE A 106 5.35 -4.41 -1.97
C ILE A 106 5.24 -3.86 -0.55
N GLY A 107 6.36 -3.90 0.16
CA GLY A 107 6.40 -3.55 1.57
C GLY A 107 5.72 -2.23 1.89
N ALA A 108 5.86 -1.27 0.97
CA ALA A 108 5.20 0.02 1.08
C ALA A 108 3.74 -0.07 1.49
N MET A 109 3.03 -1.10 1.01
CA MET A 109 1.62 -1.29 1.33
C MET A 109 1.35 -1.62 2.79
N TYR A 110 2.32 -2.25 3.44
CA TYR A 110 2.17 -2.71 4.80
C TYR A 110 2.91 -1.85 5.79
N ALA A 111 2.55 -2.01 7.06
CA ALA A 111 3.17 -1.23 8.14
C ALA A 111 4.33 -1.99 8.74
N PHE A 112 4.16 -3.29 8.95
CA PHE A 112 5.16 -4.08 9.66
C PHE A 112 5.76 -5.21 8.84
N TYR A 113 6.88 -5.72 9.33
CA TYR A 113 7.52 -6.88 8.73
C TYR A 113 8.15 -7.71 9.81
N ARG A 114 8.39 -8.98 9.48
CA ARG A 114 9.26 -9.82 10.29
C ARG A 114 9.86 -10.89 9.40
N GLY A 115 10.89 -11.56 9.92
CA GLY A 115 11.62 -12.57 9.17
C GLY A 115 12.87 -12.04 8.54
N GLY A 116 13.57 -12.91 7.82
CA GLY A 116 14.89 -12.60 7.29
C GLY A 116 14.90 -12.33 5.80
N ILE A 117 16.06 -11.94 5.30
CA ILE A 117 16.16 -11.61 3.89
C ILE A 117 17.34 -12.24 3.18
N ARG A 118 17.23 -12.29 1.86
CA ARG A 118 18.29 -12.77 1.02
C ARG A 118 19.07 -11.60 0.45
N LEU A 119 20.26 -11.89 -0.05
CA LEU A 119 21.08 -10.87 -0.66
C LEU A 119 21.92 -11.42 -1.81
N LYS A 120 21.79 -10.76 -2.97
CA LYS A 120 22.51 -11.15 -4.17
C LYS A 120 23.43 -10.02 -4.57
N ILE A 121 24.64 -10.38 -5.01
CA ILE A 121 25.66 -9.40 -5.39
C ILE A 121 26.36 -9.73 -6.70
N VAL A 122 26.46 -8.71 -7.55
CA VAL A 122 27.05 -8.82 -8.89
C VAL A 122 28.28 -7.90 -9.02
N PRO A 123 29.31 -8.35 -9.78
CA PRO A 123 30.57 -7.62 -9.90
C PRO A 123 30.74 -6.85 -11.22
N GLY A 124 31.33 -5.66 -11.14
CA GLY A 124 31.89 -5.01 -12.32
C GLY A 124 33.07 -5.82 -12.82
N VAL A 125 33.85 -6.37 -11.89
CA VAL A 125 35.14 -6.95 -12.20
C VAL A 125 35.34 -8.34 -11.59
N ALA A 126 35.56 -9.32 -12.46
CA ALA A 126 35.97 -10.66 -12.03
C ALA A 126 37.46 -10.68 -11.82
N ASP A 127 37.93 -10.20 -10.67
CA ASP A 127 39.35 -10.02 -10.47
C ASP A 127 40.08 -11.35 -10.22
N GLN A 128 40.61 -11.90 -11.31
CA GLN A 128 41.25 -13.21 -11.29
C GLN A 128 42.10 -13.49 -10.05
N PRO A 129 43.01 -12.58 -9.68
CA PRO A 129 43.90 -12.87 -8.53
C PRO A 129 43.31 -12.51 -7.17
N LYS A 130 42.23 -11.74 -7.15
CA LYS A 130 41.55 -11.39 -5.91
C LYS A 130 40.03 -11.45 -6.14
N PRO A 131 39.54 -12.65 -6.47
CA PRO A 131 38.17 -12.88 -6.93
C PRO A 131 37.14 -12.90 -5.82
N LEU A 132 37.58 -12.71 -4.58
CA LEU A 132 36.73 -13.02 -3.44
C LEU A 132 35.85 -11.88 -3.02
N VAL A 133 34.79 -12.26 -2.34
CA VAL A 133 33.88 -11.34 -1.70
C VAL A 133 33.72 -11.76 -0.28
N GLU A 134 33.74 -10.81 0.64
CA GLU A 134 33.28 -11.03 1.98
C GLU A 134 31.97 -10.31 2.14
N VAL A 135 30.97 -11.03 2.62
CA VAL A 135 29.89 -10.40 3.32
C VAL A 135 30.06 -10.80 4.76
N ALA A 136 29.96 -9.80 5.64
CA ALA A 136 30.03 -10.06 7.05
C ALA A 136 28.92 -9.37 7.80
N LEU A 137 28.62 -9.97 8.94
CA LEU A 137 27.62 -9.45 9.82
C LEU A 137 28.21 -8.25 10.54
N PHE A 138 27.54 -7.12 10.40
CA PHE A 138 28.03 -5.89 10.99
C PHE A 138 27.07 -5.35 12.04
N THR A 139 27.59 -5.15 13.25
CA THR A 139 26.77 -4.86 14.41
C THR A 139 27.26 -3.70 15.28
N MET A 140 28.29 -2.99 14.84
CA MET A 140 28.84 -1.91 15.65
C MET A 140 27.70 -1.06 16.20
N GLN A 141 27.72 -0.83 17.51
CA GLN A 141 26.57 -0.22 18.15
C GLN A 141 26.35 1.22 17.71
N ASP A 142 27.42 2.02 17.70
CA ASP A 142 27.33 3.45 17.39
C ASP A 142 27.09 3.76 15.91
N GLN A 143 27.64 2.94 15.01
CA GLN A 143 27.46 3.11 13.56
C GLN A 143 26.03 3.44 13.18
N GLY A 144 25.85 4.30 12.18
CA GLY A 144 24.53 4.77 11.76
C GLY A 144 23.88 3.87 10.73
N TYR A 145 22.56 3.72 10.83
CA TYR A 145 21.83 2.81 9.94
C TYR A 145 21.50 3.46 8.59
N ILE A 146 22.55 3.83 7.85
CA ILE A 146 22.45 4.14 6.42
C ILE A 146 23.81 3.82 5.79
N ILE A 147 23.81 3.62 4.48
CA ILE A 147 25.02 3.35 3.68
C ILE A 147 26.19 4.21 4.08
N LYS A 148 27.39 3.63 4.08
CA LYS A 148 28.63 4.36 4.27
C LYS A 148 29.78 3.45 3.91
N ALA A 149 30.89 4.03 3.45
CA ALA A 149 32.06 3.23 3.10
C ALA A 149 32.75 2.71 4.37
N ASN A 150 33.33 1.51 4.26
CA ASN A 150 34.01 0.92 5.40
C ASN A 150 35.23 1.73 5.82
N ASP A 151 35.28 2.09 7.10
CA ASP A 151 36.48 2.69 7.69
C ASP A 151 37.10 1.78 8.74
N TYR A 152 36.27 1.19 9.60
CA TYR A 152 36.72 0.33 10.67
C TYR A 152 37.72 -0.73 10.20
N SER A 153 38.83 -0.81 10.89
CA SER A 153 39.79 -1.87 10.67
C SER A 153 39.80 -2.82 11.86
N THR A 154 38.93 -2.55 12.83
CA THR A 154 38.97 -3.26 14.10
C THR A 154 37.60 -3.83 14.45
N ASP A 155 37.15 -4.79 13.66
CA ASP A 155 35.89 -5.48 13.90
C ASP A 155 36.08 -6.98 13.63
N PHE A 156 37.04 -7.54 14.36
CA PHE A 156 37.39 -8.96 14.30
C PHE A 156 36.26 -9.92 14.68
N CYS A 157 36.37 -11.16 14.21
CA CYS A 157 35.54 -12.27 14.68
C CYS A 157 34.04 -12.05 14.50
N SER A 158 33.64 -11.78 13.26
CA SER A 158 32.23 -11.64 12.94
C SER A 158 31.82 -12.73 11.95
N SER A 159 30.51 -12.90 11.77
CA SER A 159 30.01 -13.91 10.83
C SER A 159 30.39 -13.48 9.43
N ASN A 160 31.20 -14.31 8.79
CA ASN A 160 31.75 -14.01 7.48
C ASN A 160 31.40 -15.10 6.50
N ILE A 161 30.78 -14.72 5.39
CA ILE A 161 30.54 -15.69 4.33
C ILE A 161 31.45 -15.31 3.20
N TYR A 162 31.94 -16.30 2.47
CA TYR A 162 32.78 -16.00 1.32
C TYR A 162 32.28 -16.68 0.07
N GLU A 163 32.31 -15.94 -1.03
CA GLU A 163 31.93 -16.47 -2.33
C GLU A 163 32.93 -15.98 -3.39
N ASN A 164 33.17 -16.83 -4.38
CA ASN A 164 34.22 -16.62 -5.37
C ASN A 164 33.64 -16.09 -6.68
N PHE A 165 33.89 -14.81 -6.95
CA PHE A 165 33.29 -14.14 -8.11
C PHE A 165 33.64 -14.79 -9.44
N VAL A 166 34.85 -15.31 -9.55
CA VAL A 166 35.29 -15.93 -10.78
C VAL A 166 34.52 -17.21 -11.06
N THR A 167 34.59 -18.14 -10.11
CA THR A 167 34.01 -19.47 -10.27
C THR A 167 32.48 -19.44 -10.19
N LYS A 168 31.94 -18.79 -9.17
CA LYS A 168 30.49 -18.65 -9.08
C LYS A 168 30.20 -17.19 -9.38
N GLY A 169 29.66 -16.93 -10.55
CA GLY A 169 29.44 -15.55 -11.01
C GLY A 169 28.90 -14.52 -10.02
N ILE A 170 27.98 -14.94 -9.16
CA ILE A 170 27.23 -14.03 -8.30
C ILE A 170 27.42 -14.41 -6.84
N ALA A 171 27.29 -13.47 -5.93
CA ALA A 171 27.31 -13.83 -4.51
C ALA A 171 25.90 -13.93 -3.95
N GLU A 172 25.61 -15.03 -3.27
CA GLU A 172 24.28 -15.34 -2.74
C GLU A 172 24.32 -15.50 -1.23
N VAL A 173 23.38 -14.86 -0.53
CA VAL A 173 23.42 -14.81 0.94
C VAL A 173 22.03 -14.81 1.58
N GLN A 174 22.00 -15.34 2.82
CA GLN A 174 20.79 -15.34 3.64
C GLN A 174 21.06 -14.73 5.01
N THR A 175 20.05 -14.02 5.50
CA THR A 175 20.19 -13.13 6.62
C THR A 175 19.10 -13.37 7.63
N PRO A 176 19.48 -13.78 8.84
CA PRO A 176 18.51 -13.99 9.91
C PRO A 176 17.84 -12.69 10.35
N TYR A 177 16.56 -12.78 10.70
CA TYR A 177 15.81 -11.67 11.25
C TYR A 177 16.55 -11.07 12.45
N TYR A 178 17.14 -11.92 13.28
CA TYR A 178 18.04 -11.46 14.35
C TYR A 178 17.55 -10.17 15.02
N SER A 179 16.24 -10.05 15.24
CA SER A 179 15.64 -8.81 15.76
C SER A 179 15.53 -8.83 17.28
N ARG A 180 15.58 -7.63 17.88
CA ARG A 180 15.30 -7.49 19.30
C ARG A 180 13.82 -7.67 19.61
N VAL A 181 12.96 -7.50 18.61
CA VAL A 181 11.52 -7.70 18.78
C VAL A 181 10.91 -8.55 17.68
N ASN A 182 9.72 -9.05 17.99
CA ASN A 182 8.98 -9.96 17.13
C ASN A 182 8.28 -9.27 15.95
N THR A 183 8.30 -7.95 15.92
CA THR A 183 7.58 -7.23 14.89
C THR A 183 8.30 -5.95 14.55
N SER A 184 8.84 -5.85 13.34
CA SER A 184 9.58 -4.66 12.94
C SER A 184 8.76 -3.79 11.99
N VAL A 185 9.26 -2.57 11.70
CA VAL A 185 8.49 -1.54 10.99
C VAL A 185 9.04 -1.19 9.61
N VAL A 186 8.15 -1.08 8.64
CA VAL A 186 8.50 -0.76 7.27
C VAL A 186 9.11 0.64 7.20
N SER A 187 10.37 0.71 6.75
CA SER A 187 11.08 1.98 6.56
C SER A 187 11.01 2.87 7.79
N ALA A 188 11.44 2.32 8.91
CA ALA A 188 11.44 3.05 10.16
C ALA A 188 12.27 4.32 10.01
N PRO A 189 11.72 5.47 10.40
CA PRO A 189 12.55 6.68 10.40
C PRO A 189 13.82 6.53 11.27
N VAL A 190 14.97 6.34 10.61
CA VAL A 190 16.25 6.27 11.31
C VAL A 190 16.55 7.68 11.79
N LEU A 191 17.35 7.77 12.82
CA LEU A 191 17.72 9.04 13.41
C LEU A 191 19.25 9.13 13.51
N TYR A 192 19.76 10.36 13.56
CA TYR A 192 21.22 10.68 13.55
C TYR A 192 22.09 9.69 14.34
N ASN A 193 21.72 9.42 15.59
CA ASN A 193 22.42 8.41 16.39
C ASN A 193 21.52 7.25 16.84
N ALA A 194 20.44 6.99 16.07
CA ALA A 194 19.73 5.71 16.15
C ALA A 194 20.76 4.65 15.83
N GLY A 195 21.83 5.10 15.18
CA GLY A 195 23.02 4.33 15.11
C GLY A 195 22.61 3.01 14.54
N ASN A 196 22.93 1.94 15.27
CA ASN A 196 22.55 0.58 14.90
C ASN A 196 21.98 -0.17 16.09
N ILE A 197 21.13 0.49 16.86
CA ILE A 197 20.50 -0.19 17.99
C ILE A 197 19.02 0.15 18.11
N SER A 198 18.43 0.69 17.04
CA SER A 198 17.01 0.97 17.05
C SER A 198 16.25 -0.34 17.23
N PRO A 199 15.26 -0.37 18.16
CA PRO A 199 14.46 -1.60 18.31
C PRO A 199 13.56 -1.90 17.11
N LEU A 200 13.19 -0.86 16.37
CA LEU A 200 12.22 -0.94 15.29
C LEU A 200 12.74 -1.63 14.02
N MET A 201 13.95 -2.18 14.13
CA MET A 201 14.52 -2.98 13.08
C MET A 201 15.38 -4.04 13.74
N PRO A 202 15.91 -4.97 12.93
CA PRO A 202 17.00 -5.80 13.39
C PRO A 202 18.25 -4.96 13.44
N ASN A 203 18.95 -5.02 14.55
CA ASN A 203 20.08 -4.15 14.76
C ASN A 203 21.31 -4.80 14.11
N VAL A 204 21.26 -4.88 12.78
CA VAL A 204 22.24 -5.61 11.99
C VAL A 204 22.39 -5.08 10.55
N MET A 205 23.64 -4.99 10.09
CA MET A 205 23.99 -4.48 8.76
C MET A 205 24.95 -5.43 8.05
N TYR A 206 25.14 -5.23 6.75
CA TYR A 206 26.15 -5.98 6.01
C TYR A 206 27.45 -5.19 5.89
N LYS A 207 28.58 -5.85 6.10
CA LYS A 207 29.88 -5.33 5.65
C LYS A 207 30.38 -6.13 4.45
N ILE A 208 30.47 -5.46 3.32
CA ILE A 208 30.76 -6.10 2.05
C ILE A 208 32.11 -5.66 1.52
N THR A 209 33.05 -6.59 1.48
CA THR A 209 34.40 -6.28 1.08
C THR A 209 34.76 -7.13 -0.13
N SER A 210 34.87 -6.49 -1.28
CA SER A 210 35.07 -7.16 -2.54
C SER A 210 36.41 -6.78 -3.13
N ASN A 211 36.70 -7.32 -4.30
CA ASN A 211 37.66 -6.69 -5.17
C ASN A 211 37.11 -6.58 -6.58
N SER A 212 35.92 -6.01 -6.64
CA SER A 212 35.43 -5.37 -7.83
C SER A 212 35.19 -3.94 -7.42
N SER A 213 35.73 -3.01 -8.21
CA SER A 213 35.48 -1.59 -8.00
C SER A 213 33.98 -1.36 -7.85
N ASN A 214 33.26 -1.65 -8.93
CA ASN A 214 31.81 -1.49 -8.95
C ASN A 214 31.09 -2.76 -8.58
N ILE A 215 30.03 -2.63 -7.78
CA ILE A 215 29.22 -3.78 -7.39
C ILE A 215 27.72 -3.46 -7.35
N LEU A 216 26.92 -4.45 -7.77
CA LEU A 216 25.47 -4.33 -7.87
C LEU A 216 24.77 -5.22 -6.83
N LEU A 217 23.94 -4.59 -6.00
CA LEU A 217 23.24 -5.29 -4.91
C LEU A 217 21.77 -5.54 -5.24
N GLY A 218 21.29 -6.70 -4.81
CA GLY A 218 19.86 -7.02 -4.93
C GLY A 218 19.36 -7.85 -3.76
N HIS A 219 18.05 -7.82 -3.52
CA HIS A 219 17.49 -8.70 -2.51
C HIS A 219 16.06 -9.17 -2.75
N SER A 220 15.82 -10.39 -2.29
CA SER A 220 14.48 -10.92 -2.08
C SER A 220 14.34 -11.23 -0.59
N ALA A 221 13.11 -11.57 -0.22
CA ALA A 221 12.80 -11.94 1.15
C ALA A 221 13.21 -13.39 1.37
N ALA A 222 13.51 -13.73 2.62
CA ALA A 222 13.87 -15.12 2.92
C ALA A 222 12.60 -15.98 3.00
N ASP A 223 12.76 -17.24 3.40
CA ASP A 223 11.65 -18.18 3.44
C ASP A 223 10.65 -17.80 4.51
N ASP A 224 11.18 -17.40 5.66
CA ASP A 224 10.35 -17.11 6.85
C ASP A 224 9.81 -15.68 6.91
N PHE A 225 10.04 -14.88 5.88
CA PHE A 225 9.68 -13.46 5.93
C PHE A 225 8.18 -13.22 5.71
N ARG A 226 7.65 -12.19 6.38
CA ARG A 226 6.24 -11.83 6.27
C ARG A 226 6.00 -10.34 6.54
N PHE A 227 5.06 -9.77 5.79
CA PHE A 227 4.61 -8.39 5.96
C PHE A 227 3.31 -8.30 6.74
N GLY A 228 2.98 -7.10 7.21
CA GLY A 228 1.85 -6.92 8.14
C GLY A 228 1.15 -5.58 8.18
N PHE A 229 -0.17 -5.70 8.37
CA PHE A 229 -1.13 -4.60 8.50
C PHE A 229 -1.20 -3.75 7.25
N LEU A 230 -2.02 -4.20 6.30
CA LEU A 230 -2.17 -3.52 5.03
C LEU A 230 -2.78 -2.14 5.27
N LEU A 231 -2.23 -1.14 4.58
CA LEU A 231 -2.62 0.25 4.78
C LEU A 231 -3.38 0.86 3.61
N GLY A 232 -2.91 0.55 2.40
CA GLY A 232 -3.47 1.10 1.18
C GLY A 232 -2.36 1.16 0.14
N ALA A 233 -2.61 1.92 -0.93
CA ALA A 233 -1.58 2.16 -1.92
C ALA A 233 -0.52 3.05 -1.30
N PRO A 234 0.74 2.88 -1.72
CA PRO A 234 1.80 3.78 -1.28
C PRO A 234 1.93 4.95 -2.26
N LEU A 235 2.69 5.96 -1.88
CA LEU A 235 2.90 7.09 -2.77
C LEU A 235 3.73 6.60 -3.95
N ALA A 236 3.18 6.75 -5.15
CA ALA A 236 3.79 6.16 -6.32
C ALA A 236 3.47 6.93 -7.59
N ILE A 237 4.24 6.63 -8.64
CA ILE A 237 4.18 7.34 -9.91
C ILE A 237 4.46 6.33 -11.01
N SER A 238 3.98 6.62 -12.22
CA SER A 238 4.22 5.66 -13.30
C SER A 238 5.71 5.43 -13.49
N ALA A 239 6.06 4.20 -13.82
CA ALA A 239 7.44 3.82 -14.05
C ALA A 239 7.78 4.02 -15.52
N THR A 240 6.95 3.45 -16.38
CA THR A 240 7.04 3.70 -17.82
C THR A 240 7.14 5.20 -18.15
N ALA A 241 6.53 6.04 -17.30
CA ALA A 241 6.58 7.50 -17.44
C ALA A 241 7.96 8.11 -17.20
N LEU A 242 8.83 7.41 -16.49
CA LEU A 242 10.16 7.95 -16.17
C LEU A 242 11.01 8.26 -17.40
N ARG A 243 10.55 7.84 -18.59
CA ARG A 243 11.22 8.19 -19.83
C ARG A 243 10.68 9.48 -20.45
N ASP A 244 9.86 10.22 -19.70
CA ASP A 244 9.34 11.50 -20.19
C ASP A 244 10.47 12.49 -20.47
N ASN A 245 10.35 13.20 -21.59
CA ASN A 245 11.31 14.20 -22.01
C ASN A 245 10.66 15.35 -22.79
N PHE A 246 9.36 15.54 -22.60
CA PHE A 246 8.60 16.52 -23.37
C PHE A 246 9.07 17.96 -23.12
N THR A 247 9.82 18.18 -22.04
CA THR A 247 10.47 19.47 -21.78
C THR A 247 11.74 19.65 -22.61
N GLY A 248 11.98 18.79 -23.59
CA GLY A 248 13.17 18.91 -24.43
C GLY A 248 14.37 18.33 -23.74
N SER A 249 14.68 18.83 -22.55
CA SER A 249 15.73 18.26 -21.71
C SER A 249 15.48 16.76 -21.53
N SER A 250 16.43 15.97 -22.02
CA SER A 250 16.27 14.53 -22.15
C SER A 250 16.11 13.83 -20.81
N ALA A 251 15.57 12.62 -20.88
CA ALA A 251 15.36 11.79 -19.72
C ALA A 251 16.71 11.40 -19.09
N THR A 252 16.92 11.81 -17.84
CA THR A 252 18.14 11.52 -17.11
C THR A 252 18.02 10.29 -16.22
N VAL A 253 16.94 10.26 -15.42
CA VAL A 253 16.76 9.26 -14.35
C VAL A 253 16.77 7.82 -14.85
N SER A 254 17.79 7.07 -14.42
CA SER A 254 17.90 5.65 -14.71
C SER A 254 17.76 4.84 -13.42
N LEU A 255 17.65 3.52 -13.59
CA LEU A 255 17.47 2.59 -12.48
C LEU A 255 18.56 1.56 -12.44
N PRO A 256 18.78 0.96 -11.26
CA PRO A 256 19.77 -0.09 -11.19
C PRO A 256 19.21 -1.37 -11.79
N THR A 257 19.56 -1.61 -13.06
CA THR A 257 19.31 -2.89 -13.69
C THR A 257 20.67 -3.45 -14.08
N PHE A 258 20.66 -4.66 -14.60
CA PHE A 258 21.90 -5.28 -15.03
C PHE A 258 22.50 -4.47 -16.17
N SER A 259 21.74 -4.30 -17.25
CA SER A 259 22.19 -3.56 -18.43
C SER A 259 22.90 -2.26 -18.06
N ASN A 260 22.23 -1.46 -17.22
CA ASN A 260 22.74 -0.17 -16.80
C ASN A 260 24.05 -0.29 -16.04
N PHE A 261 24.18 -1.35 -15.25
CA PHE A 261 25.39 -1.58 -14.49
C PHE A 261 26.53 -2.05 -15.39
N TYR A 262 26.32 -3.20 -16.03
CA TYR A 262 27.41 -3.91 -16.70
C TYR A 262 28.08 -3.08 -17.80
N LEU A 263 27.35 -2.10 -18.34
CA LEU A 263 27.87 -1.26 -19.42
C LEU A 263 28.11 0.18 -18.96
N SER A 264 29.37 0.48 -18.64
CA SER A 264 29.77 1.80 -18.16
C SER A 264 31.14 2.21 -18.71
N THR B 77 -17.51 -6.22 43.50
CA THR B 77 -16.17 -5.72 43.90
C THR B 77 -15.51 -5.00 42.71
N HIS B 78 -14.58 -4.08 43.00
CA HIS B 78 -13.95 -3.24 41.96
C HIS B 78 -12.45 -3.48 41.78
N SER B 79 -11.98 -3.15 40.57
CA SER B 79 -10.59 -3.40 40.17
C SER B 79 -10.14 -2.42 39.09
N ILE B 80 -8.82 -2.23 39.03
CA ILE B 80 -8.20 -1.28 38.11
C ILE B 80 -8.84 -1.37 36.73
N ILE B 81 -8.85 -2.57 36.18
CA ILE B 81 -9.39 -2.80 34.85
C ILE B 81 -10.73 -2.11 34.64
N ASP B 82 -11.62 -2.27 35.63
CA ASP B 82 -12.96 -1.71 35.57
C ASP B 82 -12.93 -0.24 35.16
N PHE B 83 -11.95 0.51 35.66
CA PHE B 83 -11.79 1.90 35.29
C PHE B 83 -11.40 2.09 33.83
N LEU B 84 -10.45 1.31 33.34
CA LEU B 84 -9.97 1.48 31.96
C LEU B 84 -11.01 1.02 30.96
N GLU B 85 -11.83 0.07 31.42
CA GLU B 85 -13.00 -0.33 30.67
C GLU B 85 -14.10 0.74 30.71
N ARG B 86 -14.02 1.70 31.64
CA ARG B 86 -15.02 2.78 31.68
C ARG B 86 -14.92 3.62 30.41
N PRO B 87 -16.07 3.92 29.80
CA PRO B 87 -16.13 4.64 28.54
C PRO B 87 -16.16 6.13 28.81
N GLN B 88 -15.16 6.84 28.29
CA GLN B 88 -15.04 8.27 28.54
C GLN B 88 -15.54 9.04 27.34
N PHE B 89 -16.05 10.25 27.60
CA PHE B 89 -16.32 11.23 26.57
C PHE B 89 -14.98 11.83 26.19
N ILE B 90 -14.57 11.68 24.93
CA ILE B 90 -13.24 12.13 24.49
C ILE B 90 -13.29 13.51 23.87
N GLY B 91 -14.30 13.76 23.05
CA GLY B 91 -14.46 15.08 22.48
C GLY B 91 -15.71 15.24 21.65
N SER B 92 -16.14 16.49 21.53
CA SER B 92 -17.12 16.89 20.54
C SER B 92 -16.33 17.61 19.45
N PHE B 93 -16.67 17.34 18.20
CA PHE B 93 -15.95 17.93 17.08
C PHE B 93 -16.93 18.53 16.10
N LEU B 94 -16.56 19.69 15.55
CA LEU B 94 -17.43 20.37 14.62
C LEU B 94 -17.32 19.73 13.25
N TRP B 95 -18.46 19.53 12.62
CA TRP B 95 -18.49 19.20 11.20
C TRP B 95 -19.59 20.03 10.57
N ASN B 96 -19.24 20.90 9.63
CA ASN B 96 -20.23 21.79 9.01
C ASN B 96 -20.27 21.72 7.47
N THR B 97 -21.34 22.30 6.91
CA THR B 97 -21.59 22.24 5.48
C THR B 97 -20.33 22.44 4.64
N SER B 98 -19.56 23.47 4.99
CA SER B 98 -18.37 23.85 4.22
C SER B 98 -17.30 22.75 4.15
N ASP B 99 -17.22 21.90 5.17
CA ASP B 99 -16.22 20.83 5.20
C ASP B 99 -16.37 19.91 4.01
N ILE B 100 -15.25 19.58 3.38
CA ILE B 100 -15.25 18.91 2.08
C ILE B 100 -14.64 17.51 2.11
N GLU B 101 -14.68 16.82 0.97
CA GLU B 101 -14.18 15.45 0.88
C GLU B 101 -12.77 15.28 1.46
N ASN B 102 -12.65 14.32 2.36
CA ASN B 102 -11.39 14.00 3.03
C ASN B 102 -10.96 15.07 4.03
N LYS B 103 -11.85 16.00 4.36
CA LYS B 103 -11.55 16.96 5.40
C LYS B 103 -11.50 16.21 6.73
N GLU B 104 -10.38 16.35 7.43
CA GLU B 104 -10.20 15.66 8.71
C GLU B 104 -11.01 16.34 9.79
N ILE B 105 -11.87 15.58 10.45
CA ILE B 105 -12.62 16.04 11.60
C ILE B 105 -11.78 15.89 12.85
N PHE B 106 -11.07 14.78 12.97
CA PHE B 106 -10.13 14.61 14.08
C PHE B 106 -9.09 13.55 13.78
N SER B 107 -8.09 13.48 14.65
CA SER B 107 -7.00 12.53 14.53
C SER B 107 -6.43 12.27 15.92
N LEU B 108 -6.98 11.26 16.60
CA LEU B 108 -6.68 11.03 18.01
C LEU B 108 -5.76 9.85 18.22
N LYS B 109 -4.81 10.04 19.11
CA LYS B 109 -3.71 9.11 19.28
C LYS B 109 -3.91 8.19 20.47
N LEU B 110 -3.62 6.91 20.25
CA LEU B 110 -3.71 5.90 21.28
C LEU B 110 -2.34 5.63 21.87
N PRO B 111 -2.20 5.79 23.19
CA PRO B 111 -3.32 5.97 24.11
C PRO B 111 -3.66 7.42 24.44
N ASP B 112 -2.88 8.36 23.92
CA ASP B 112 -2.89 9.75 24.43
C ASP B 112 -4.30 10.25 24.72
N ALA B 113 -5.16 10.18 23.70
CA ALA B 113 -6.53 10.73 23.79
C ALA B 113 -7.33 10.26 25.00
N LEU B 114 -7.04 9.06 25.51
CA LEU B 114 -7.77 8.52 26.67
C LEU B 114 -7.10 8.78 28.01
N MET B 115 -5.94 9.43 28.01
CA MET B 115 -5.13 9.53 29.22
C MET B 115 -5.64 10.59 30.20
N SER B 116 -6.89 10.45 30.62
CA SER B 116 -7.48 11.41 31.52
C SER B 116 -6.96 11.17 32.95
N PRO B 117 -7.05 12.20 33.80
CA PRO B 117 -6.61 12.06 35.20
C PRO B 117 -7.09 10.75 35.81
N MET B 118 -8.38 10.47 35.69
CA MET B 118 -8.97 9.21 36.15
C MET B 118 -8.11 8.00 35.81
N ILE B 119 -7.75 7.89 34.54
CA ILE B 119 -6.95 6.78 34.06
C ILE B 119 -5.56 6.88 34.64
N ARG B 120 -4.94 8.03 34.46
CA ARG B 120 -3.57 8.25 34.89
C ARG B 120 -3.37 7.81 36.35
N GLU B 121 -4.31 8.20 37.21
CA GLU B 121 -4.33 7.81 38.62
C GLU B 121 -4.17 6.31 38.78
N LYS B 122 -5.00 5.55 38.06
CA LYS B 122 -5.05 4.11 38.25
C LYS B 122 -3.89 3.42 37.56
N LEU B 123 -3.45 3.97 36.44
CA LEU B 123 -2.26 3.45 35.75
C LEU B 123 -0.96 3.76 36.49
N SER B 124 -0.99 4.77 37.35
CA SER B 124 0.15 5.08 38.20
C SER B 124 0.70 3.82 38.88
N GLY B 125 2.03 3.73 38.97
CA GLY B 125 2.68 2.62 39.66
C GLY B 125 3.01 1.44 38.77
N PHE B 126 2.77 1.58 37.47
CA PHE B 126 2.98 0.52 36.48
C PHE B 126 3.85 1.00 35.34
N THR B 127 4.80 0.16 34.93
CA THR B 127 5.70 0.53 33.84
C THR B 127 5.05 0.78 32.50
N SER B 128 3.95 0.09 32.23
CA SER B 128 3.37 0.12 30.88
C SER B 128 2.07 -0.65 30.86
N PHE B 129 1.41 -0.65 29.71
CA PHE B 129 0.20 -1.43 29.53
C PHE B 129 -0.17 -1.56 28.07
N SER B 130 -0.99 -2.57 27.77
CA SER B 130 -1.50 -2.75 26.40
C SER B 130 -2.98 -3.10 26.44
N ALA B 131 -3.67 -2.76 25.37
CA ALA B 131 -5.10 -3.05 25.29
C ALA B 131 -5.67 -2.84 23.90
N SER B 132 -6.78 -3.50 23.66
CA SER B 132 -7.64 -3.15 22.55
C SER B 132 -8.43 -1.95 22.99
N THR B 133 -9.00 -1.26 22.03
CA THR B 133 -9.59 0.04 22.29
C THR B 133 -10.87 0.23 21.51
N VAL B 134 -11.92 0.63 22.22
CA VAL B 134 -13.24 0.72 21.65
C VAL B 134 -13.60 2.17 21.42
N PHE B 135 -14.15 2.45 20.25
CA PHE B 135 -14.49 3.81 19.85
C PHE B 135 -15.93 3.89 19.38
N HIS B 136 -16.73 4.65 20.13
CA HIS B 136 -18.11 4.96 19.77
C HIS B 136 -18.13 6.35 19.19
N ILE B 137 -18.67 6.51 18.00
CA ILE B 137 -18.83 7.88 17.49
C ILE B 137 -20.30 8.26 17.39
N GLN B 138 -20.64 9.44 17.88
CA GLN B 138 -22.03 9.82 18.03
C GLN B 138 -22.40 11.10 17.30
N VAL B 139 -23.47 11.03 16.53
CA VAL B 139 -23.80 12.06 15.58
C VAL B 139 -25.30 12.15 15.46
N ASN B 140 -25.85 13.14 16.15
CA ASN B 140 -27.28 13.26 16.18
C ASN B 140 -27.76 14.21 15.12
N ALA B 141 -27.88 13.68 13.91
CA ALA B 141 -28.41 14.40 12.77
C ALA B 141 -29.91 14.36 12.84
N HIS B 142 -30.57 15.35 12.25
CA HIS B 142 -32.01 15.32 12.14
C HIS B 142 -32.40 14.98 10.69
N PRO B 143 -33.60 14.40 10.53
CA PRO B 143 -34.09 13.71 9.32
C PRO B 143 -33.73 14.30 7.95
N PHE B 144 -33.54 15.61 7.87
CA PHE B 144 -33.34 16.30 6.59
C PHE B 144 -31.88 16.56 6.28
N GLN B 145 -31.00 16.08 7.14
CA GLN B 145 -29.58 16.24 6.94
C GLN B 145 -29.00 14.91 6.51
N CYS B 146 -28.37 14.87 5.35
CA CYS B 146 -27.67 13.67 4.90
C CYS B 146 -26.19 13.97 4.74
N GLY B 147 -25.37 12.95 4.98
CA GLY B 147 -23.93 13.12 4.96
C GLY B 147 -23.26 11.80 5.30
N ARG B 148 -21.93 11.73 5.20
CA ARG B 148 -21.27 10.47 5.47
C ARG B 148 -19.82 10.57 5.91
N LEU B 149 -19.54 9.87 7.01
CA LEU B 149 -18.20 9.86 7.58
C LEU B 149 -17.50 8.54 7.46
N VAL B 150 -16.18 8.60 7.48
CA VAL B 150 -15.35 7.44 7.75
C VAL B 150 -14.87 7.57 9.19
N LEU B 151 -14.71 6.44 9.86
CA LEU B 151 -13.83 6.40 11.01
C LEU B 151 -12.82 5.30 10.75
N ALA B 152 -11.54 5.66 10.73
CA ALA B 152 -10.51 4.66 10.44
C ALA B 152 -9.41 4.65 11.49
N ALA B 153 -8.63 3.58 11.43
CA ALA B 153 -7.52 3.41 12.35
C ALA B 153 -6.21 3.32 11.62
N VAL B 154 -5.15 3.78 12.28
CA VAL B 154 -3.84 3.67 11.67
C VAL B 154 -2.77 3.44 12.73
N PRO B 155 -1.80 2.54 12.44
CA PRO B 155 -0.89 2.15 13.51
C PRO B 155 0.29 3.09 13.69
N VAL B 156 0.87 3.05 14.89
CA VAL B 156 2.15 3.66 15.23
C VAL B 156 2.43 5.02 14.57
N PRO B 157 1.41 5.86 14.47
CA PRO B 157 1.48 7.05 13.62
C PRO B 157 2.84 7.72 13.66
N ASP B 158 3.34 7.95 14.87
CA ASP B 158 4.59 8.68 15.07
C ASP B 158 5.71 8.27 14.14
N ILE B 159 5.78 6.98 13.82
CA ILE B 159 6.93 6.46 13.09
C ILE B 159 6.61 5.88 11.71
N LEU B 160 5.41 6.12 11.21
CA LEU B 160 5.08 5.69 9.86
C LEU B 160 5.79 6.57 8.84
N PRO B 161 6.41 5.96 7.82
CA PRO B 161 6.99 6.70 6.71
C PRO B 161 6.05 7.80 6.20
N LEU B 162 6.57 9.02 6.17
CA LEU B 162 5.72 10.19 5.96
C LEU B 162 4.74 10.00 4.83
N HIS B 163 5.25 9.52 3.70
CA HIS B 163 4.42 9.41 2.52
C HIS B 163 3.07 8.78 2.84
N ARG B 164 3.07 7.82 3.76
CA ARG B 164 1.83 7.21 4.20
C ARG B 164 0.96 8.27 4.87
N LEU B 165 1.42 8.77 6.01
CA LEU B 165 0.71 9.79 6.76
C LEU B 165 0.13 10.86 5.83
N ASN B 166 0.91 11.24 4.82
CA ASN B 166 0.48 12.20 3.82
C ASN B 166 -0.65 11.67 2.97
N MET B 167 -0.42 10.52 2.35
CA MET B 167 -1.43 9.88 1.49
C MET B 167 -2.83 9.92 2.11
N LEU B 168 -2.89 9.97 3.43
CA LEU B 168 -4.16 9.98 4.16
C LEU B 168 -4.83 11.34 4.09
N SER B 169 -4.08 12.37 4.40
CA SER B 169 -4.55 13.74 4.28
C SER B 169 -4.78 14.11 2.81
N PHE B 170 -4.07 13.46 1.91
CA PHE B 170 -4.19 13.68 0.47
C PHE B 170 -5.53 13.24 -0.11
N ASP B 171 -5.87 11.97 0.12
CA ASP B 171 -6.97 11.33 -0.59
C ASP B 171 -7.73 10.33 0.31
N VAL B 172 -9.03 10.60 0.49
CA VAL B 172 -9.91 9.76 1.29
C VAL B 172 -9.82 8.27 0.91
N SER B 173 -9.58 8.00 -0.36
CA SER B 173 -9.40 6.62 -0.84
C SER B 173 -8.28 5.86 -0.13
N ASN B 174 -7.26 6.58 0.32
CA ASN B 174 -6.16 5.95 1.07
C ASN B 174 -6.49 5.79 2.55
N VAL B 175 -7.64 6.32 2.96
CA VAL B 175 -8.27 6.01 4.23
C VAL B 175 -9.25 4.86 4.07
N ILE B 176 -10.04 4.86 3.00
CA ILE B 176 -10.97 3.75 2.74
C ILE B 176 -10.29 2.39 2.66
N THR B 177 -9.05 2.37 2.18
CA THR B 177 -8.25 1.15 2.18
C THR B 177 -7.97 0.64 3.61
N LEU B 178 -7.95 1.53 4.60
CA LEU B 178 -7.66 1.12 5.96
C LEU B 178 -8.77 0.32 6.64
N PRO B 179 -8.41 -0.30 7.76
CA PRO B 179 -9.30 -0.66 8.86
C PRO B 179 -10.18 0.52 9.28
N HIS B 180 -11.45 0.42 8.91
CA HIS B 180 -12.37 1.53 9.05
C HIS B 180 -13.81 1.09 9.16
N VAL B 181 -14.67 2.06 9.42
CA VAL B 181 -16.10 1.86 9.33
C VAL B 181 -16.76 3.15 8.89
N GLN B 182 -17.76 3.01 8.04
CA GLN B 182 -18.47 4.14 7.50
C GLN B 182 -19.70 4.45 8.35
N LEU B 183 -20.06 5.74 8.40
CA LEU B 183 -21.26 6.19 9.11
C LEU B 183 -22.12 7.10 8.23
N ASP B 184 -23.39 6.71 8.08
CA ASP B 184 -24.38 7.48 7.32
C ASP B 184 -25.46 8.03 8.25
N ILE B 185 -25.29 9.30 8.59
CA ILE B 185 -26.13 10.02 9.55
C ILE B 185 -27.64 9.86 9.37
N SER B 186 -28.09 9.73 8.12
CA SER B 186 -29.50 9.53 7.85
C SER B 186 -29.99 8.22 8.44
N LYS B 187 -29.18 7.16 8.29
CA LYS B 187 -29.51 5.83 8.81
C LYS B 187 -29.13 5.66 10.27
N GLU B 188 -27.85 5.87 10.55
CA GLU B 188 -27.27 5.49 11.83
C GLU B 188 -27.09 6.71 12.72
N THR B 189 -27.36 6.53 14.01
CA THR B 189 -27.08 7.56 15.01
C THR B 189 -25.69 7.38 15.60
N GLU B 190 -25.07 6.24 15.33
CA GLU B 190 -23.82 5.87 15.97
C GLU B 190 -23.14 4.73 15.23
N VAL B 191 -21.84 4.59 15.45
CA VAL B 191 -21.13 3.37 15.11
C VAL B 191 -19.86 3.23 15.95
N LEU B 192 -19.39 1.99 16.05
CA LEU B 192 -18.21 1.63 16.85
C LEU B 192 -17.06 1.16 16.01
N LEU B 193 -15.89 1.13 16.63
CA LEU B 193 -14.77 0.37 16.07
C LEU B 193 -13.84 -0.05 17.19
N LYS B 194 -13.34 -1.27 17.09
CA LYS B 194 -12.42 -1.78 18.08
C LYS B 194 -11.05 -1.96 17.45
N ILE B 195 -10.02 -1.58 18.19
CA ILE B 195 -8.66 -1.65 17.70
C ILE B 195 -7.73 -2.36 18.64
N PRO B 196 -7.17 -3.49 18.18
CA PRO B 196 -6.26 -4.26 19.00
C PRO B 196 -4.95 -3.51 19.21
N TYR B 197 -4.27 -3.79 20.31
CA TYR B 197 -2.91 -3.32 20.48
C TYR B 197 -2.02 -4.00 19.44
N VAL B 198 -1.29 -3.21 18.66
CA VAL B 198 -0.38 -3.73 17.65
C VAL B 198 0.90 -2.91 17.65
N SER B 199 2.04 -3.55 17.95
CA SER B 199 3.31 -2.83 18.01
C SER B 199 4.51 -3.76 18.17
N PRO B 200 5.69 -3.31 17.75
CA PRO B 200 6.97 -3.95 18.11
C PRO B 200 7.17 -4.08 19.61
N PHE B 201 6.91 -2.99 20.32
CA PHE B 201 6.87 -3.04 21.76
C PHE B 201 5.65 -3.85 22.13
N VAL B 202 5.75 -4.58 23.23
CA VAL B 202 4.65 -5.43 23.67
C VAL B 202 3.60 -4.63 24.42
N GLN B 203 3.99 -3.47 24.95
CA GLN B 203 3.07 -2.55 25.62
C GLN B 203 3.43 -1.10 25.32
N TYR B 204 2.54 -0.20 25.69
CA TYR B 204 2.81 1.22 25.58
C TYR B 204 3.73 1.60 26.72
N ASP B 205 4.87 2.15 26.36
CA ASP B 205 5.83 2.56 27.36
C ASP B 205 5.28 3.78 28.11
N LEU B 206 4.89 3.57 29.35
CA LEU B 206 4.29 4.65 30.12
C LEU B 206 5.29 5.64 30.66
N VAL B 207 6.59 5.31 30.64
CA VAL B 207 7.58 6.24 31.15
C VAL B 207 8.28 6.92 29.98
N THR B 208 8.85 6.13 29.07
CA THR B 208 9.44 6.67 27.84
C THR B 208 8.38 7.28 26.94
N LYS B 209 7.12 6.87 27.12
CA LYS B 209 6.03 7.33 26.27
C LYS B 209 6.31 6.99 24.80
N PHE B 210 7.12 5.96 24.56
CA PHE B 210 7.61 5.64 23.22
C PHE B 210 6.50 5.10 22.30
N THR B 211 6.27 5.91 21.26
CA THR B 211 5.23 5.73 20.23
C THR B 211 3.88 5.22 20.70
N PRO B 212 2.92 6.15 20.77
CA PRO B 212 1.51 5.80 20.69
C PRO B 212 1.28 4.78 19.58
N TRP B 213 0.59 3.71 19.93
CA TRP B 213 0.57 2.51 19.07
C TRP B 213 -0.40 2.60 17.90
N ALA B 214 -1.25 3.62 17.91
CA ALA B 214 -2.17 3.83 16.80
C ALA B 214 -2.85 5.17 16.93
N ALA B 215 -3.75 5.45 16.00
CA ALA B 215 -4.56 6.62 16.05
C ALA B 215 -5.81 6.41 15.21
N PHE B 216 -6.92 6.90 15.77
CA PHE B 216 -8.20 6.91 15.07
C PHE B 216 -8.25 8.22 14.34
N LEU B 217 -8.88 8.19 13.19
CA LEU B 217 -9.11 9.44 12.49
C LEU B 217 -10.43 9.37 11.75
N ALA B 218 -11.09 10.52 11.70
CA ALA B 218 -12.38 10.62 11.05
C ALA B 218 -12.28 11.64 9.96
N HIS B 219 -12.12 11.19 8.73
CA HIS B 219 -12.19 12.09 7.59
C HIS B 219 -13.62 12.13 7.09
N VAL B 220 -14.02 13.25 6.49
CA VAL B 220 -15.34 13.33 5.89
C VAL B 220 -15.35 12.55 4.60
N TYR B 221 -16.34 11.69 4.42
CA TYR B 221 -16.43 10.93 3.19
C TYR B 221 -17.27 11.76 2.23
N ALA B 222 -18.53 11.96 2.59
CA ALA B 222 -19.43 12.75 1.76
C ALA B 222 -19.95 13.88 2.63
N PRO B 223 -19.73 15.12 2.16
CA PRO B 223 -19.92 16.30 3.00
C PRO B 223 -21.36 16.51 3.44
N LEU B 224 -21.51 17.17 4.58
CA LEU B 224 -22.82 17.42 5.15
C LEU B 224 -23.69 18.21 4.18
N ASN B 225 -24.86 17.67 3.84
CA ASN B 225 -25.66 18.22 2.75
C ASN B 225 -27.05 18.73 3.19
N THR B 226 -27.04 19.86 3.89
CA THR B 226 -28.26 20.58 4.22
C THR B 226 -28.55 21.55 3.09
N PRO B 227 -29.81 22.04 2.99
CA PRO B 227 -30.10 23.06 1.98
C PRO B 227 -29.30 24.32 2.22
N SER B 228 -29.45 24.90 3.40
CA SER B 228 -28.70 26.08 3.80
C SER B 228 -27.63 25.65 4.78
N ALA B 229 -26.50 26.37 4.77
CA ALA B 229 -25.36 26.01 5.61
C ALA B 229 -25.74 25.78 7.07
N ALA B 230 -25.10 24.79 7.68
CA ALA B 230 -25.30 24.44 9.08
C ALA B 230 -24.15 23.55 9.55
N SER B 231 -24.18 23.21 10.83
CA SER B 231 -23.12 22.40 11.42
C SER B 231 -23.61 21.47 12.52
N LEU B 232 -22.78 20.46 12.77
CA LEU B 232 -23.12 19.29 13.54
C LEU B 232 -21.99 18.85 14.43
N GLN B 233 -22.38 18.34 15.59
CA GLN B 233 -21.44 17.90 16.59
C GLN B 233 -21.23 16.39 16.50
N VAL B 234 -19.97 16.03 16.28
CA VAL B 234 -19.51 14.65 16.31
C VAL B 234 -18.89 14.35 17.67
N ASN B 235 -19.62 13.63 18.50
CA ASN B 235 -19.11 13.21 19.81
C ASN B 235 -18.32 11.92 19.67
N VAL B 236 -17.38 11.74 20.59
CA VAL B 236 -16.59 10.50 20.67
C VAL B 236 -16.61 9.94 22.08
N PHE B 237 -16.90 8.64 22.20
CA PHE B 237 -16.76 7.94 23.48
C PHE B 237 -15.78 6.79 23.32
N ALA B 238 -15.07 6.44 24.38
CA ALA B 238 -14.11 5.35 24.26
C ALA B 238 -13.56 4.76 25.56
N HIS B 239 -13.21 3.48 25.48
CA HIS B 239 -12.61 2.76 26.59
C HIS B 239 -11.68 1.66 26.10
N PHE B 240 -11.00 1.03 27.04
CA PHE B 240 -10.14 -0.08 26.68
C PHE B 240 -10.83 -1.41 26.89
N GLU B 241 -10.27 -2.44 26.25
CA GLU B 241 -10.65 -3.82 26.53
C GLU B 241 -9.43 -4.70 26.37
N ASP B 242 -9.48 -5.91 26.92
CA ASP B 242 -8.41 -6.90 26.77
C ASP B 242 -7.12 -6.31 27.30
N ILE B 243 -7.18 -5.87 28.54
CA ILE B 243 -6.16 -5.02 29.11
C ILE B 243 -5.02 -5.86 29.67
N LYS B 244 -3.82 -5.32 29.65
CA LYS B 244 -2.67 -5.99 30.23
C LYS B 244 -1.73 -4.97 30.82
N LEU B 245 -1.33 -5.17 32.08
CA LEU B 245 -0.47 -4.21 32.78
C LEU B 245 0.95 -4.71 32.94
N GLY B 246 1.91 -3.78 32.97
CA GLY B 246 3.34 -4.11 33.09
C GLY B 246 3.80 -4.21 34.54
N PHE B 247 5.09 -4.52 34.74
CA PHE B 247 5.64 -4.65 36.09
C PHE B 247 5.49 -3.29 36.82
N PRO B 248 5.30 -3.30 38.15
CA PRO B 248 5.05 -2.03 38.83
C PRO B 248 6.34 -1.34 39.23
N THR B 249 6.26 -0.02 39.40
CA THR B 249 7.47 0.79 39.50
C THR B 249 7.29 2.12 40.23
N SER B 250 8.43 2.63 40.73
CA SER B 250 8.52 3.94 41.35
C SER B 250 8.69 5.01 40.29
N ALA B 251 8.93 4.60 39.04
CA ALA B 251 8.94 5.53 37.92
C ALA B 251 7.54 6.11 37.75
N ILE B 252 7.47 7.32 37.23
CA ILE B 252 6.22 8.07 37.16
C ILE B 252 5.62 8.06 35.77
N VAL B 253 4.29 8.09 35.75
CA VAL B 253 3.53 8.16 34.52
C VAL B 253 4.02 9.35 33.72
N ALA B 254 4.50 9.08 32.52
CA ALA B 254 4.93 10.11 31.59
C ALA B 254 3.86 11.19 31.47
N GLN B 255 4.28 12.45 31.60
CA GLN B 255 3.36 13.59 31.52
C GLN B 255 2.55 13.58 30.23
N SER C 1 41.60 -49.75 3.57
CA SER C 1 42.48 -49.47 2.40
C SER C 1 42.04 -48.20 1.66
N LYS C 2 42.72 -47.94 0.55
CA LYS C 2 42.54 -46.72 -0.22
C LYS C 2 42.16 -47.15 -1.65
N PRO C 3 41.00 -47.79 -1.80
CA PRO C 3 40.63 -48.42 -3.07
C PRO C 3 40.29 -47.41 -4.16
N LEU C 4 40.34 -47.86 -5.41
CA LEU C 4 40.01 -47.00 -6.53
C LEU C 4 38.53 -46.75 -6.53
N THR C 5 38.15 -45.50 -6.75
CA THR C 5 36.74 -45.12 -6.79
C THR C 5 36.05 -45.90 -7.90
N THR C 6 34.84 -46.35 -7.59
CA THR C 6 33.99 -47.00 -8.56
C THR C 6 32.76 -46.12 -8.80
N ILE C 7 32.83 -44.89 -8.30
CA ILE C 7 31.74 -43.96 -8.39
C ILE C 7 31.78 -43.35 -9.77
N PRO C 8 30.76 -43.62 -10.59
CA PRO C 8 30.78 -43.12 -11.93
C PRO C 8 30.58 -41.62 -11.99
N PRO C 9 30.99 -41.03 -13.10
CA PRO C 9 30.97 -39.60 -13.23
C PRO C 9 29.59 -39.13 -13.63
N THR C 10 29.16 -38.04 -13.02
CA THR C 10 27.91 -37.43 -13.38
C THR C 10 28.19 -36.15 -14.12
N ILE C 11 27.29 -35.79 -15.03
CA ILE C 11 27.39 -34.52 -15.71
C ILE C 11 26.87 -33.43 -14.79
N VAL C 12 27.52 -32.26 -14.85
CA VAL C 12 27.21 -31.15 -13.94
C VAL C 12 26.91 -29.87 -14.71
N VAL C 13 26.26 -28.93 -14.02
CA VAL C 13 25.92 -27.64 -14.64
C VAL C 13 26.41 -26.51 -13.77
N GLN C 14 27.14 -25.58 -14.41
CA GLN C 14 27.65 -24.40 -13.72
C GLN C 14 26.67 -23.23 -13.87
N ARG C 15 26.01 -22.90 -12.77
CA ARG C 15 25.16 -21.73 -12.72
C ARG C 15 25.70 -20.82 -11.64
N PRO C 16 25.62 -19.51 -11.87
CA PRO C 16 26.05 -18.56 -10.87
C PRO C 16 24.97 -18.33 -9.83
N SER C 17 23.70 -18.41 -10.25
CA SER C 17 22.59 -18.17 -9.34
C SER C 17 21.32 -18.81 -9.88
N GLN C 18 20.82 -19.77 -9.11
CA GLN C 18 19.66 -20.55 -9.46
C GLN C 18 18.43 -20.02 -8.75
N TYR C 19 17.28 -20.13 -9.41
CA TYR C 19 16.01 -19.69 -8.84
C TYR C 19 16.01 -18.20 -8.49
N PHE C 20 16.97 -17.46 -9.02
CA PHE C 20 17.12 -16.05 -8.73
C PHE C 20 15.81 -15.32 -8.94
N ASN C 21 15.18 -15.64 -10.06
CA ASN C 21 13.92 -15.04 -10.49
C ASN C 21 12.69 -15.79 -10.02
N ASN C 22 12.86 -16.76 -9.12
CA ASN C 22 11.83 -17.77 -8.85
C ASN C 22 11.36 -17.78 -7.39
N ALA C 23 10.06 -18.01 -7.21
CA ALA C 23 9.47 -18.20 -5.87
C ALA C 23 9.62 -19.66 -5.43
N ASP C 24 9.89 -20.54 -6.39
CA ASP C 24 10.05 -21.97 -6.14
C ASP C 24 11.47 -22.26 -5.65
N GLY C 25 11.79 -23.54 -5.53
CA GLY C 25 13.17 -23.99 -5.47
C GLY C 25 13.87 -23.79 -4.15
N VAL C 26 15.14 -24.20 -4.12
CA VAL C 26 15.98 -24.08 -2.94
C VAL C 26 17.01 -23.00 -3.19
N ASP C 27 16.94 -21.90 -2.42
CA ASP C 27 17.98 -20.89 -2.49
C ASP C 27 19.25 -21.50 -1.98
N GLN C 28 20.36 -21.21 -2.64
CA GLN C 28 21.64 -21.80 -2.28
C GLN C 28 22.54 -20.78 -1.58
N GLY C 29 21.95 -19.86 -0.80
CA GLY C 29 22.71 -18.82 -0.11
C GLY C 29 23.54 -19.34 1.04
N LEU C 30 24.53 -18.55 1.45
CA LEU C 30 25.19 -18.80 2.73
C LEU C 30 24.43 -18.02 3.77
N PRO C 31 24.24 -18.61 4.94
CA PRO C 31 23.54 -17.94 6.01
C PRO C 31 24.53 -17.19 6.87
N LEU C 32 24.08 -16.15 7.54
CA LEU C 32 24.96 -15.35 8.37
C LEU C 32 24.90 -15.75 9.83
N SER C 33 23.72 -16.17 10.27
CA SER C 33 23.55 -16.66 11.63
C SER C 33 24.54 -17.77 11.91
N LEU C 34 24.86 -17.96 13.18
CA LEU C 34 25.73 -19.07 13.56
C LEU C 34 25.11 -20.40 13.13
N LYS C 35 23.82 -20.54 13.40
CA LYS C 35 23.09 -21.74 13.03
C LYS C 35 22.66 -21.70 11.56
N TYR C 36 23.25 -22.58 10.74
CA TYR C 36 22.88 -22.70 9.32
C TYR C 36 21.36 -22.75 9.15
N GLY C 37 20.71 -23.48 10.05
CA GLY C 37 19.27 -23.64 9.99
C GLY C 37 18.48 -22.37 10.26
N ASN C 38 19.08 -21.44 11.01
CA ASN C 38 18.31 -20.36 11.60
C ASN C 38 17.17 -19.89 10.74
N GLU C 39 15.98 -20.15 11.24
CA GLU C 39 14.76 -19.70 10.64
C GLU C 39 14.01 -19.15 11.82
N VAL C 40 12.93 -18.43 11.59
CA VAL C 40 12.08 -18.01 12.68
C VAL C 40 10.66 -18.53 12.42
N ILE C 41 9.96 -18.85 13.50
CA ILE C 41 8.62 -19.42 13.42
C ILE C 41 7.62 -18.45 12.80
N LEU C 42 6.66 -19.00 12.05
CA LEU C 42 5.54 -18.19 11.55
C LEU C 42 4.60 -17.89 12.71
N LYS C 43 4.82 -16.75 13.35
CA LYS C 43 4.01 -16.32 14.48
C LYS C 43 2.59 -16.03 14.03
N THR C 44 1.62 -16.59 14.75
CA THR C 44 0.21 -16.31 14.51
C THR C 44 -0.43 -15.96 15.84
N PRO C 45 -1.40 -15.05 15.83
CA PRO C 45 -1.69 -14.21 14.67
C PRO C 45 -0.61 -13.14 14.59
N PHE C 46 -0.60 -12.36 13.51
CA PHE C 46 0.44 -11.35 13.32
C PHE C 46 -0.11 -10.02 12.84
N ALA C 47 0.23 -8.96 13.55
CA ALA C 47 -0.34 -7.65 13.29
C ALA C 47 -1.85 -7.68 13.54
N GLY C 48 -2.25 -8.39 14.59
CA GLY C 48 -3.65 -8.45 15.02
C GLY C 48 -4.55 -9.40 14.25
N THR C 49 -4.05 -9.96 13.15
CA THR C 49 -4.85 -10.76 12.24
C THR C 49 -4.25 -12.11 12.05
N SER C 50 -5.11 -13.10 11.82
CA SER C 50 -4.68 -14.41 11.39
C SER C 50 -4.97 -14.61 9.90
N SER C 51 -5.90 -13.85 9.34
CA SER C 51 -6.09 -13.79 7.89
C SER C 51 -4.76 -13.51 7.20
N ASP C 52 -4.55 -14.13 6.04
CA ASP C 52 -3.34 -13.86 5.25
C ASP C 52 -3.48 -12.51 4.59
N GLU C 53 -2.60 -11.58 4.95
CA GLU C 53 -2.67 -10.23 4.44
C GLU C 53 -1.94 -10.08 3.10
N MET C 54 -1.04 -11.01 2.78
CA MET C 54 -0.28 -10.98 1.53
C MET C 54 -0.97 -11.72 0.39
N ALA C 55 -2.18 -12.21 0.63
CA ALA C 55 -2.93 -12.92 -0.37
C ALA C 55 -3.64 -11.97 -1.32
N LEU C 56 -3.55 -12.28 -2.60
CA LEU C 56 -4.18 -11.43 -3.60
C LEU C 56 -5.65 -11.38 -3.32
N GLU C 57 -6.24 -12.56 -3.10
CA GLU C 57 -7.61 -12.67 -2.64
C GLU C 57 -7.93 -11.65 -1.56
N TYR C 58 -7.02 -11.48 -0.60
CA TYR C 58 -7.23 -10.52 0.50
C TYR C 58 -7.12 -9.10 0.02
N VAL C 59 -6.04 -8.82 -0.70
CA VAL C 59 -5.69 -7.46 -1.05
C VAL C 59 -6.68 -6.85 -2.06
N LEU C 60 -6.92 -7.57 -3.15
CA LEU C 60 -7.70 -6.98 -4.22
C LEU C 60 -9.16 -6.80 -3.81
N LYS C 61 -9.56 -7.53 -2.78
CA LYS C 61 -10.90 -7.40 -2.22
C LYS C 61 -10.97 -6.29 -1.18
N ILE C 62 -9.90 -5.50 -1.04
CA ILE C 62 -9.99 -4.33 -0.20
C ILE C 62 -10.62 -3.23 -1.02
N PRO C 63 -11.67 -2.58 -0.46
CA PRO C 63 -12.40 -1.58 -1.22
C PRO C 63 -11.56 -0.34 -1.54
N ASN C 64 -11.56 0.02 -2.82
CA ASN C 64 -10.94 1.23 -3.29
C ASN C 64 -12.05 2.20 -3.61
N TYR C 65 -12.13 3.30 -2.85
CA TYR C 65 -12.97 4.43 -3.26
C TYR C 65 -12.29 5.06 -4.44
N PHE C 66 -13.00 5.26 -5.53
CA PHE C 66 -12.34 5.75 -6.73
C PHE C 66 -13.09 6.81 -7.52
N SER C 67 -14.29 7.16 -7.12
CA SER C 67 -15.09 8.08 -7.93
C SER C 67 -16.37 8.44 -7.21
N ARG C 68 -16.88 9.64 -7.48
CA ARG C 68 -18.21 10.03 -7.04
C ARG C 68 -18.99 10.66 -8.18
N PHE C 69 -20.22 11.07 -7.89
CA PHE C 69 -20.91 12.01 -8.78
C PHE C 69 -22.13 12.60 -8.07
N LYS C 70 -22.99 13.28 -8.84
CA LYS C 70 -24.14 13.95 -8.27
C LYS C 70 -25.43 13.47 -8.92
N TYR C 71 -26.49 13.45 -8.13
CA TYR C 71 -27.84 13.18 -8.64
C TYR C 71 -28.72 14.27 -8.08
N SER C 72 -29.56 14.86 -8.94
CA SER C 72 -30.24 16.10 -8.58
C SER C 72 -31.65 16.27 -9.12
N SER C 73 -32.24 17.39 -8.75
CA SER C 73 -33.49 17.84 -9.30
C SER C 73 -33.36 18.08 -10.80
N THR C 74 -32.20 18.59 -11.23
CA THR C 74 -31.88 18.79 -12.64
C THR C 74 -32.08 17.55 -13.49
N SER C 75 -31.50 16.46 -13.01
CA SER C 75 -31.31 15.26 -13.80
C SER C 75 -32.59 14.76 -14.45
N LEU C 76 -32.45 14.20 -15.65
CA LEU C 76 -33.58 13.92 -16.51
C LEU C 76 -33.64 12.47 -16.96
N PRO C 77 -34.85 11.99 -17.25
CA PRO C 77 -35.05 10.65 -17.79
C PRO C 77 -33.98 10.26 -18.82
N LYS C 78 -33.29 9.14 -18.56
CA LYS C 78 -32.30 8.56 -19.49
C LYS C 78 -30.98 9.33 -19.55
N GLN C 79 -30.91 10.43 -18.82
CA GLN C 79 -29.69 11.21 -18.72
C GLN C 79 -28.65 10.33 -18.05
N VAL C 80 -27.55 10.12 -18.75
CA VAL C 80 -26.42 9.43 -18.17
C VAL C 80 -25.96 10.28 -17.01
N LEU C 81 -25.61 9.65 -15.90
CA LEU C 81 -25.07 10.38 -14.77
C LEU C 81 -23.61 10.11 -14.54
N TRP C 82 -23.11 8.99 -15.04
CA TRP C 82 -21.80 8.51 -14.65
C TRP C 82 -21.44 7.27 -15.43
N THR C 83 -20.17 7.20 -15.81
CA THR C 83 -19.63 6.04 -16.50
C THR C 83 -18.25 5.71 -15.98
N SER C 84 -17.85 4.47 -16.20
CA SER C 84 -16.45 4.09 -16.02
C SER C 84 -16.15 2.92 -16.95
N PRO C 85 -14.93 2.90 -17.51
CA PRO C 85 -14.50 1.67 -18.11
C PRO C 85 -14.21 0.65 -17.02
N VAL C 86 -14.52 -0.61 -17.33
CA VAL C 86 -14.35 -1.69 -16.39
C VAL C 86 -12.97 -2.29 -16.57
N HIS C 87 -12.07 -1.94 -15.66
CA HIS C 87 -10.72 -2.51 -15.65
C HIS C 87 -10.03 -2.12 -14.34
N PRO C 88 -8.91 -2.79 -14.01
CA PRO C 88 -8.32 -2.67 -12.68
C PRO C 88 -7.37 -1.49 -12.47
N GLN C 89 -6.99 -0.80 -13.53
CA GLN C 89 -6.00 0.28 -13.44
C GLN C 89 -6.66 1.61 -13.14
N ILE C 90 -7.35 1.65 -12.01
CA ILE C 90 -8.12 2.81 -11.63
C ILE C 90 -7.17 3.76 -10.90
N ILE C 91 -7.22 5.05 -11.26
CA ILE C 91 -6.23 6.03 -10.78
C ILE C 91 -6.81 7.33 -10.25
N ARG C 92 -5.95 8.06 -9.55
CA ARG C 92 -6.28 9.30 -8.87
C ARG C 92 -5.25 10.33 -9.28
N ASN C 93 -5.42 11.56 -8.79
CA ASN C 93 -4.48 12.65 -9.07
C ASN C 93 -3.61 12.86 -7.86
N HIS C 94 -2.30 13.00 -8.07
CA HIS C 94 -1.42 13.39 -6.98
C HIS C 94 -1.88 14.74 -6.46
N VAL C 95 -1.64 15.00 -5.19
CA VAL C 95 -1.98 16.30 -4.62
C VAL C 95 -0.85 17.26 -4.90
N THR C 96 0.38 16.82 -4.59
CA THR C 96 1.54 17.69 -4.63
C THR C 96 1.78 18.33 -5.99
N VAL C 97 1.81 17.50 -7.03
CA VAL C 97 2.08 17.97 -8.37
C VAL C 97 0.95 17.52 -9.28
N VAL C 98 1.06 17.79 -10.58
CA VAL C 98 0.02 17.34 -11.51
C VAL C 98 0.63 16.66 -12.72
N ASP C 99 1.19 15.47 -12.48
CA ASP C 99 1.65 14.64 -13.58
C ASP C 99 0.44 14.05 -14.32
N ALA C 100 0.68 13.52 -15.51
CA ALA C 100 -0.37 12.85 -16.27
C ALA C 100 -0.75 11.48 -15.69
N PRO C 101 0.25 10.61 -15.43
CA PRO C 101 -0.03 9.27 -14.90
C PRO C 101 -0.95 9.25 -13.70
N GLY C 102 -0.63 10.03 -12.68
CA GLY C 102 -1.44 10.10 -11.48
C GLY C 102 -1.06 9.08 -10.43
N GLN C 103 -1.75 9.14 -9.30
CA GLN C 103 -1.54 8.25 -8.14
C GLN C 103 -2.42 7.02 -8.27
N PRO C 104 -1.82 5.82 -8.35
CA PRO C 104 -2.67 4.64 -8.46
C PRO C 104 -3.49 4.37 -7.20
N THR C 105 -4.67 3.78 -7.37
CA THR C 105 -5.44 3.21 -6.27
C THR C 105 -4.68 1.99 -5.82
N LEU C 106 -5.04 1.47 -4.66
CA LEU C 106 -4.41 0.24 -4.18
C LEU C 106 -4.49 -0.85 -5.23
N LEU C 107 -5.72 -1.17 -5.61
CA LEU C 107 -6.01 -2.13 -6.65
C LEU C 107 -5.03 -1.96 -7.81
N ALA C 108 -5.06 -0.77 -8.41
CA ALA C 108 -4.22 -0.46 -9.55
C ALA C 108 -2.76 -0.74 -9.22
N TYR C 109 -2.31 -0.27 -8.06
CA TYR C 109 -0.92 -0.44 -7.65
C TYR C 109 -0.55 -1.91 -7.64
N ALA C 110 -1.40 -2.72 -7.02
CA ALA C 110 -1.19 -4.15 -6.91
C ALA C 110 -1.19 -4.81 -8.28
N THR C 111 -2.32 -4.73 -8.98
CA THR C 111 -2.42 -5.32 -10.32
C THR C 111 -1.22 -4.91 -11.19
N GLY C 112 -0.78 -3.68 -10.96
CA GLY C 112 0.38 -3.11 -11.62
C GLY C 112 1.61 -3.98 -11.65
N PHE C 113 1.71 -4.94 -10.74
CA PHE C 113 2.88 -5.82 -10.71
C PHE C 113 2.82 -6.94 -11.73
N PHE C 114 1.70 -7.03 -12.44
CA PHE C 114 1.50 -8.03 -13.48
C PHE C 114 1.08 -7.39 -14.77
N LYS C 115 1.24 -8.16 -15.85
CA LYS C 115 0.75 -7.73 -17.15
C LYS C 115 -0.66 -8.20 -17.37
N TYR C 116 -0.94 -9.48 -17.12
CA TYR C 116 -2.26 -9.99 -17.46
C TYR C 116 -3.22 -9.98 -16.28
N TRP C 117 -4.48 -9.66 -16.58
CA TRP C 117 -5.57 -9.78 -15.61
C TRP C 117 -6.82 -10.41 -16.22
N ARG C 118 -7.68 -10.88 -15.33
CA ARG C 118 -9.04 -11.36 -15.68
C ARG C 118 -9.89 -11.48 -14.42
N GLY C 119 -11.19 -11.61 -14.62
CA GLY C 119 -12.14 -11.66 -13.51
C GLY C 119 -13.15 -10.54 -13.47
N GLY C 120 -14.04 -10.64 -12.49
CA GLY C 120 -15.12 -9.71 -12.35
C GLY C 120 -14.85 -8.71 -11.24
N LEU C 121 -15.56 -7.60 -11.30
CA LEU C 121 -15.31 -6.52 -10.36
C LEU C 121 -16.55 -6.09 -9.61
N VAL C 122 -16.35 -5.88 -8.32
CA VAL C 122 -17.40 -5.52 -7.40
C VAL C 122 -17.44 -4.02 -7.24
N TYR C 123 -18.48 -3.43 -7.85
CA TYR C 123 -18.71 -2.01 -7.80
C TYR C 123 -19.84 -1.73 -6.82
N THR C 124 -19.63 -0.69 -6.01
CA THR C 124 -20.53 -0.38 -4.92
C THR C 124 -20.83 1.12 -4.88
N PHE C 125 -22.13 1.43 -4.94
CA PHE C 125 -22.61 2.79 -4.97
C PHE C 125 -23.34 3.10 -3.68
N ARG C 126 -23.02 4.25 -3.12
CA ARG C 126 -23.68 4.75 -1.93
C ARG C 126 -24.31 6.10 -2.20
N PHE C 127 -25.58 6.21 -1.85
CA PHE C 127 -26.37 7.37 -2.22
C PHE C 127 -26.59 8.22 -0.99
N VAL C 128 -25.67 9.13 -0.71
CA VAL C 128 -25.75 9.89 0.53
C VAL C 128 -26.94 10.85 0.50
N LYS C 129 -27.99 10.44 1.19
CA LYS C 129 -29.30 11.06 1.06
C LYS C 129 -30.09 10.88 2.34
N THR C 130 -31.26 11.51 2.36
CA THR C 130 -32.26 11.30 3.39
C THR C 130 -33.39 10.50 2.80
N ASN C 131 -34.43 10.33 3.61
CA ASN C 131 -35.58 9.54 3.23
C ASN C 131 -36.55 10.39 2.42
N TYR C 132 -36.35 11.70 2.44
CA TYR C 132 -37.29 12.64 1.87
C TYR C 132 -36.93 12.97 0.44
N HIS C 133 -35.86 12.33 -0.02
CA HIS C 133 -35.51 12.25 -1.42
C HIS C 133 -36.21 11.04 -2.02
N SER C 134 -36.61 11.16 -3.27
CA SER C 134 -37.23 10.05 -4.00
C SER C 134 -36.83 10.11 -5.47
N GLY C 135 -36.50 8.95 -6.03
CA GLY C 135 -36.04 8.88 -7.40
C GLY C 135 -35.54 7.51 -7.74
N ARG C 136 -35.43 7.26 -9.03
CA ARG C 136 -34.89 6.00 -9.54
C ARG C 136 -33.71 6.25 -10.42
N VAL C 137 -32.91 5.20 -10.53
CA VAL C 137 -31.67 5.20 -11.25
C VAL C 137 -31.47 3.80 -11.75
N GLN C 138 -30.97 3.67 -12.97
CA GLN C 138 -30.63 2.35 -13.51
C GLN C 138 -29.13 2.25 -13.75
N ILE C 139 -28.54 1.24 -13.14
CA ILE C 139 -27.17 0.90 -13.40
C ILE C 139 -27.18 -0.18 -14.46
N THR C 140 -26.31 0.00 -15.44
CA THR C 140 -26.31 -0.82 -16.62
C THR C 140 -24.87 -1.06 -17.04
N PHE C 141 -24.56 -2.25 -17.52
CA PHE C 141 -23.21 -2.52 -17.99
C PHE C 141 -23.23 -2.85 -19.46
N HIS C 142 -22.34 -2.19 -20.19
CA HIS C 142 -22.28 -2.30 -21.63
C HIS C 142 -20.92 -2.86 -22.00
N PRO C 143 -20.86 -4.18 -22.23
CA PRO C 143 -19.60 -4.78 -22.64
C PRO C 143 -19.29 -4.41 -24.07
N PHE C 144 -18.01 -4.29 -24.39
CA PHE C 144 -17.54 -4.05 -25.76
C PHE C 144 -17.98 -2.68 -26.30
N VAL C 145 -17.86 -1.65 -25.45
CA VAL C 145 -18.26 -0.30 -25.84
C VAL C 145 -17.72 0.72 -24.83
N GLY C 146 -17.23 1.84 -25.36
CA GLY C 146 -16.60 2.89 -24.56
C GLY C 146 -17.55 4.00 -24.15
N TYR C 147 -17.09 4.82 -23.20
CA TYR C 147 -18.01 5.68 -22.45
C TYR C 147 -18.59 6.86 -23.24
N ASP C 148 -18.00 7.17 -24.40
CA ASP C 148 -18.63 8.11 -25.32
C ASP C 148 -19.81 7.45 -26.00
N ASP C 149 -19.64 6.18 -26.36
CA ASP C 149 -20.61 5.50 -27.22
C ASP C 149 -21.85 4.98 -26.49
N VAL C 150 -21.88 5.08 -25.16
CA VAL C 150 -23.06 4.65 -24.40
C VAL C 150 -24.15 5.73 -24.34
N MET C 151 -23.78 6.98 -24.66
CA MET C 151 -24.71 8.11 -24.63
C MET C 151 -24.74 8.81 -25.98
N ASP C 152 -25.94 9.20 -26.42
CA ASP C 152 -26.07 9.94 -27.67
C ASP C 152 -25.63 11.39 -27.42
N SER C 153 -25.68 12.21 -28.47
CA SER C 153 -25.26 13.61 -28.41
C SER C 153 -25.89 14.43 -27.27
N ASP C 154 -27.04 14.00 -26.76
CA ASP C 154 -27.71 14.70 -25.64
C ASP C 154 -27.29 14.19 -24.25
N GLY C 155 -26.40 13.21 -24.20
CA GLY C 155 -26.02 12.58 -22.92
C GLY C 155 -27.12 11.68 -22.39
N LYS C 156 -27.95 11.17 -23.31
CA LYS C 156 -29.00 10.21 -22.99
C LYS C 156 -28.45 8.85 -23.34
N ILE C 157 -28.81 7.85 -22.54
CA ILE C 157 -28.29 6.50 -22.72
C ILE C 157 -28.82 5.82 -23.99
N VAL C 158 -27.99 4.98 -24.60
CA VAL C 158 -28.32 4.34 -25.88
C VAL C 158 -28.57 2.85 -25.73
N ARG C 159 -29.75 2.41 -26.18
CA ARG C 159 -30.04 0.98 -26.31
C ARG C 159 -29.95 0.21 -24.98
N ASP C 160 -30.22 0.90 -23.88
CA ASP C 160 -30.35 0.27 -22.56
C ASP C 160 -31.18 -1.02 -22.65
N GLU C 161 -32.17 -0.99 -23.54
CA GLU C 161 -32.97 -2.15 -23.90
C GLU C 161 -32.14 -3.44 -23.83
N TYR C 162 -30.94 -3.42 -24.42
CA TYR C 162 -30.19 -4.67 -24.69
C TYR C 162 -29.34 -5.27 -23.58
N VAL C 163 -29.40 -4.77 -22.35
CA VAL C 163 -28.51 -5.26 -21.26
C VAL C 163 -29.08 -5.38 -19.85
N TYR C 164 -28.31 -6.09 -19.01
CA TYR C 164 -28.52 -6.16 -17.55
C TYR C 164 -28.86 -4.76 -17.09
N ARG C 165 -30.03 -4.63 -16.46
CA ARG C 165 -30.47 -3.35 -15.96
C ARG C 165 -30.75 -3.49 -14.48
N VAL C 166 -30.31 -2.51 -13.68
CA VAL C 166 -30.52 -2.56 -12.23
C VAL C 166 -31.19 -1.31 -11.65
N VAL C 167 -32.51 -1.37 -11.56
CA VAL C 167 -33.32 -0.27 -11.05
C VAL C 167 -33.10 -0.06 -9.55
N VAL C 168 -33.00 1.19 -9.11
CA VAL C 168 -32.83 1.51 -7.69
C VAL C 168 -33.83 2.54 -7.19
N ASP C 169 -34.78 2.12 -6.35
CA ASP C 169 -35.69 3.08 -5.73
C ASP C 169 -35.02 3.74 -4.53
N LEU C 170 -34.98 5.07 -4.55
CA LEU C 170 -34.35 5.78 -3.44
C LEU C 170 -35.29 6.02 -2.26
N ARG C 171 -36.60 5.98 -2.48
CA ARG C 171 -37.51 6.01 -1.34
C ARG C 171 -37.06 4.93 -0.35
N ASP C 172 -36.74 3.75 -0.87
CA ASP C 172 -36.31 2.61 -0.07
C ASP C 172 -34.79 2.57 0.15
N GLN C 173 -34.04 2.37 -0.94
CA GLN C 173 -32.67 1.89 -0.83
C GLN C 173 -31.64 3.00 -0.93
N THR C 174 -30.64 2.95 -0.06
CA THR C 174 -29.65 4.03 0.06
C THR C 174 -28.27 3.63 -0.45
N GLU C 175 -28.16 2.37 -0.84
CA GLU C 175 -26.89 1.76 -1.17
C GLU C 175 -27.15 0.66 -2.16
N ALA C 176 -26.15 0.32 -2.97
CA ALA C 176 -26.32 -0.77 -3.94
C ALA C 176 -24.99 -1.30 -4.40
N THR C 177 -24.91 -2.61 -4.63
CA THR C 177 -23.64 -3.20 -5.02
C THR C 177 -23.87 -4.19 -6.12
N LEU C 178 -22.88 -4.36 -6.98
CA LEU C 178 -22.96 -5.42 -7.96
C LEU C 178 -21.61 -5.88 -8.47
N VAL C 179 -21.65 -7.03 -9.14
CA VAL C 179 -20.49 -7.62 -9.75
C VAL C 179 -20.62 -7.52 -11.24
N VAL C 180 -19.55 -7.05 -11.87
CA VAL C 180 -19.44 -7.07 -13.30
C VAL C 180 -18.59 -8.26 -13.68
N PRO C 181 -19.16 -9.17 -14.47
CA PRO C 181 -18.38 -10.25 -15.05
C PRO C 181 -17.22 -9.75 -15.88
N PHE C 182 -16.17 -10.56 -15.92
CA PHE C 182 -15.22 -10.51 -17.01
C PHE C 182 -16.00 -10.90 -18.27
N THR C 183 -15.74 -10.22 -19.37
CA THR C 183 -16.35 -10.55 -20.67
C THR C 183 -15.40 -10.18 -21.82
N SER C 184 -14.81 -11.22 -22.40
CA SER C 184 -13.73 -11.04 -23.36
C SER C 184 -13.63 -12.26 -24.25
N LEU C 185 -13.21 -12.05 -25.49
CA LEU C 185 -12.90 -13.17 -26.37
C LEU C 185 -11.48 -13.71 -26.10
N THR C 186 -10.71 -12.95 -25.31
CA THR C 186 -9.44 -13.42 -24.79
C THR C 186 -9.66 -13.93 -23.37
N PRO C 187 -8.97 -15.02 -23.01
CA PRO C 187 -8.93 -15.43 -21.62
C PRO C 187 -8.36 -14.35 -20.68
N TYR C 188 -7.36 -13.60 -21.13
CA TYR C 188 -6.76 -12.57 -20.30
C TYR C 188 -6.71 -11.22 -21.00
N LYS C 189 -7.00 -10.16 -20.23
CA LYS C 189 -6.82 -8.80 -20.73
C LYS C 189 -5.53 -8.28 -20.12
N VAL C 190 -5.11 -7.10 -20.60
CA VAL C 190 -3.87 -6.51 -20.14
C VAL C 190 -4.10 -5.33 -19.20
N CYS C 191 -3.31 -5.29 -18.13
CA CYS C 191 -3.33 -4.19 -17.17
C CYS C 191 -2.99 -2.93 -17.93
N ALA C 192 -3.97 -2.06 -18.11
CA ALA C 192 -3.76 -0.85 -18.89
C ALA C 192 -2.51 -0.08 -18.45
N ASP C 193 -1.72 0.37 -19.41
CA ASP C 193 -0.54 1.20 -19.13
C ASP C 193 -0.77 2.58 -19.75
N VAL C 194 -0.03 3.57 -19.25
CA VAL C 194 -0.01 4.89 -19.88
C VAL C 194 0.59 4.76 -21.28
N PHE C 195 0.14 5.61 -22.21
CA PHE C 195 0.59 5.57 -23.61
C PHE C 195 1.24 6.89 -24.00
N ASN C 196 2.14 6.83 -24.97
CA ASN C 196 2.84 8.01 -25.44
C ASN C 196 1.94 8.83 -26.35
N SER C 197 1.60 10.04 -25.91
CA SER C 197 0.82 10.97 -26.72
C SER C 197 1.69 11.59 -27.80
N ALA C 198 2.95 11.79 -27.48
CA ALA C 198 3.92 12.38 -28.42
C ALA C 198 4.42 11.34 -29.43
N ASN C 199 5.30 11.78 -30.33
CA ASN C 199 5.92 10.92 -31.32
C ASN C 199 7.39 10.69 -31.03
N ARG C 200 7.82 9.45 -31.22
CA ARG C 200 9.17 9.06 -30.85
C ARG C 200 10.20 9.91 -31.61
N PRO C 201 11.32 10.24 -30.97
CA PRO C 201 11.67 9.81 -29.62
C PRO C 201 11.23 10.81 -28.55
N LYS C 202 10.24 11.64 -28.85
CA LYS C 202 9.62 12.48 -27.84
C LYS C 202 8.67 11.61 -27.03
N TYR C 203 8.73 11.73 -25.70
CA TYR C 203 7.91 10.92 -24.81
C TYR C 203 7.11 11.77 -23.87
N ASN C 204 5.80 11.79 -24.09
CA ASN C 204 4.86 12.33 -23.12
C ASN C 204 3.83 11.25 -22.85
N TYR C 205 4.02 10.53 -21.74
CA TYR C 205 3.16 9.42 -21.38
C TYR C 205 1.94 9.90 -20.61
N GLU C 206 0.78 9.47 -21.09
CA GLU C 206 -0.49 9.87 -20.51
C GLU C 206 -1.39 8.67 -20.29
N PRO C 207 -2.26 8.72 -19.27
CA PRO C 207 -3.23 7.66 -19.06
C PRO C 207 -4.14 7.46 -20.28
N ARG C 208 -4.47 6.21 -20.58
CA ARG C 208 -5.34 5.89 -21.72
C ARG C 208 -6.78 6.37 -21.51
N ASP C 209 -7.43 6.71 -22.61
CA ASP C 209 -8.81 7.15 -22.56
C ASP C 209 -9.71 6.12 -23.26
N PHE C 210 -10.64 5.57 -22.50
CA PHE C 210 -11.53 4.52 -23.01
C PHE C 210 -12.90 5.06 -23.33
N LYS C 211 -12.91 6.26 -23.91
CA LYS C 211 -14.10 6.81 -24.52
C LYS C 211 -14.71 5.82 -25.51
N VAL C 212 -13.86 5.09 -26.24
CA VAL C 212 -14.31 4.18 -27.28
C VAL C 212 -13.63 2.83 -27.19
N TYR C 213 -14.42 1.79 -27.48
CA TYR C 213 -13.97 0.40 -27.54
C TYR C 213 -13.72 0.03 -28.98
N ASP C 214 -12.46 -0.16 -29.33
CA ASP C 214 -12.10 -0.68 -30.64
C ASP C 214 -10.73 -1.31 -30.46
N ASN C 215 -10.20 -1.90 -31.51
CA ASN C 215 -8.95 -2.68 -31.38
C ASN C 215 -7.68 -1.83 -31.28
N THR C 216 -7.79 -0.69 -30.61
CA THR C 216 -6.64 -0.02 -30.02
C THR C 216 -6.71 -0.10 -28.50
N THR C 217 -7.93 -0.22 -28.00
CA THR C 217 -8.22 -0.29 -26.57
C THR C 217 -8.69 -1.66 -26.09
N ASP C 218 -9.38 -2.39 -26.98
CA ASP C 218 -10.24 -3.52 -26.57
C ASP C 218 -9.64 -4.50 -25.56
N GLN C 219 -8.32 -4.67 -25.55
CA GLN C 219 -7.70 -5.67 -24.66
C GLN C 219 -7.15 -5.08 -23.37
N PHE C 220 -7.67 -3.92 -22.98
CA PHE C 220 -7.37 -3.34 -21.67
C PHE C 220 -8.58 -3.30 -20.73
N PHE C 221 -9.78 -3.52 -21.27
CA PHE C 221 -11.02 -3.39 -20.50
C PHE C 221 -12.20 -4.09 -21.19
N THR C 222 -13.16 -4.55 -20.40
CA THR C 222 -14.26 -5.38 -20.93
C THR C 222 -15.35 -4.54 -21.60
N GLY C 223 -15.58 -3.36 -21.03
CA GLY C 223 -16.60 -2.44 -21.52
C GLY C 223 -16.84 -1.31 -20.54
N THR C 224 -18.00 -0.67 -20.64
CA THR C 224 -18.31 0.49 -19.83
C THR C 224 -19.54 0.30 -18.95
N LEU C 225 -19.35 0.63 -17.67
CA LEU C 225 -20.41 0.57 -16.68
C LEU C 225 -21.00 1.96 -16.54
N CYS C 226 -22.32 2.05 -16.70
CA CYS C 226 -23.01 3.33 -16.73
C CYS C 226 -24.20 3.41 -15.78
N VAL C 227 -24.37 4.59 -15.20
CA VAL C 227 -25.48 4.86 -14.29
C VAL C 227 -26.39 5.91 -14.88
N SER C 228 -27.52 5.49 -15.45
CA SER C 228 -28.44 6.46 -16.05
C SER C 228 -29.57 6.78 -15.10
N ALA C 229 -30.01 8.04 -15.10
CA ALA C 229 -31.15 8.43 -14.28
C ALA C 229 -32.45 8.03 -14.96
N LEU C 230 -33.47 7.81 -14.15
CA LEU C 230 -34.83 7.56 -14.65
C LEU C 230 -35.77 8.67 -14.27
N THR C 231 -35.63 9.18 -13.06
CA THR C 231 -36.45 10.29 -12.59
C THR C 231 -35.50 11.34 -12.07
N PRO C 232 -35.89 12.62 -12.18
CA PRO C 232 -35.19 13.61 -11.38
C PRO C 232 -35.28 13.28 -9.90
N LEU C 233 -34.28 13.68 -9.13
CA LEU C 233 -34.33 13.49 -7.69
C LEU C 233 -35.28 14.50 -7.06
N VAL C 234 -36.56 14.18 -7.10
CA VAL C 234 -37.58 15.09 -6.58
C VAL C 234 -37.50 15.08 -5.06
N SER C 235 -37.46 16.25 -4.47
CA SER C 235 -37.33 16.38 -3.02
C SER C 235 -37.97 17.68 -2.62
N SER C 236 -38.17 17.89 -1.33
CA SER C 236 -38.63 19.18 -0.85
C SER C 236 -37.44 20.10 -0.66
N SER C 237 -37.16 20.87 -1.70
CA SER C 237 -36.22 21.98 -1.63
C SER C 237 -36.49 22.84 -0.40
N ALA C 238 -37.77 22.87 0.00
CA ALA C 238 -38.18 23.49 1.26
C ALA C 238 -37.31 23.10 2.47
N VAL C 239 -36.92 21.82 2.58
CA VAL C 239 -36.11 21.38 3.74
C VAL C 239 -34.85 20.53 3.46
N VAL C 240 -34.65 20.10 2.21
CA VAL C 240 -33.46 19.32 1.86
C VAL C 240 -32.82 19.78 0.56
N SER C 241 -31.50 19.68 0.50
CA SER C 241 -30.77 19.98 -0.72
C SER C 241 -31.35 19.17 -1.87
N SER C 242 -31.45 19.78 -3.05
CA SER C 242 -32.06 19.11 -4.19
C SER C 242 -31.01 18.46 -5.07
N THR C 243 -29.81 18.30 -4.52
CA THR C 243 -28.74 17.55 -5.17
C THR C 243 -27.99 16.76 -4.11
N ILE C 244 -27.62 15.52 -4.46
CA ILE C 244 -26.86 14.66 -3.56
C ILE C 244 -25.68 13.98 -4.24
N ASP C 245 -24.74 13.62 -3.38
CA ASP C 245 -23.53 12.92 -3.76
C ASP C 245 -23.82 11.42 -3.84
N VAL C 246 -23.14 10.78 -4.79
CA VAL C 246 -23.17 9.34 -4.94
C VAL C 246 -21.73 8.85 -5.00
N LEU C 247 -21.36 7.99 -4.04
CA LEU C 247 -19.98 7.50 -3.93
C LEU C 247 -19.82 6.11 -4.50
N VAL C 248 -18.72 5.89 -5.25
CA VAL C 248 -18.48 4.60 -5.90
C VAL C 248 -17.16 3.97 -5.46
N GLU C 249 -17.26 2.74 -4.95
CA GLU C 249 -16.08 1.96 -4.55
C GLU C 249 -16.00 0.72 -5.40
N VAL C 250 -14.80 0.18 -5.51
CA VAL C 250 -14.61 -1.04 -6.26
C VAL C 250 -13.68 -1.97 -5.50
N LYS C 251 -13.96 -3.26 -5.60
CA LYS C 251 -12.98 -4.28 -5.20
C LYS C 251 -13.05 -5.45 -6.17
N ALA C 252 -12.17 -6.43 -6.04
CA ALA C 252 -12.14 -7.55 -6.97
C ALA C 252 -13.19 -8.59 -6.60
N SER C 253 -13.67 -9.34 -7.59
CA SER C 253 -14.56 -10.48 -7.28
C SER C 253 -13.74 -11.69 -6.85
N ASP C 254 -14.43 -12.80 -6.60
CA ASP C 254 -13.77 -14.04 -6.19
C ASP C 254 -12.98 -14.61 -7.35
N ASP C 255 -13.61 -14.64 -8.51
CA ASP C 255 -13.02 -15.22 -9.72
C ASP C 255 -11.82 -14.45 -10.27
N PHE C 256 -11.40 -13.41 -9.55
CA PHE C 256 -10.41 -12.52 -10.09
C PHE C 256 -9.00 -13.11 -10.05
N GLU C 257 -8.28 -12.91 -11.15
CA GLU C 257 -6.95 -13.49 -11.31
C GLU C 257 -6.05 -12.54 -12.08
N VAL C 258 -4.76 -12.56 -11.74
CA VAL C 258 -3.73 -11.86 -12.51
C VAL C 258 -2.57 -12.79 -12.76
N ALA C 259 -1.72 -12.45 -13.73
CA ALA C 259 -0.51 -13.23 -13.93
C ALA C 259 0.45 -12.55 -14.89
N VAL C 260 1.63 -13.16 -15.00
CA VAL C 260 2.75 -12.62 -15.73
C VAL C 260 3.26 -11.42 -14.94
N PRO C 261 3.99 -11.70 -13.87
CA PRO C 261 4.58 -10.68 -13.04
C PRO C 261 5.89 -10.28 -13.67
N ASN C 262 6.20 -9.00 -13.61
CA ASN C 262 7.41 -8.52 -14.24
C ASN C 262 7.71 -7.13 -13.72
N THR C 263 8.30 -6.30 -14.57
CA THR C 263 8.43 -4.89 -14.29
C THR C 263 7.05 -4.31 -14.10
N PRO C 264 6.85 -3.67 -12.96
CA PRO C 264 5.55 -3.16 -12.60
C PRO C 264 5.21 -1.93 -13.40
N LEU C 265 3.93 -1.56 -13.37
CA LEU C 265 3.47 -0.33 -13.97
C LEU C 265 3.68 0.82 -13.01
N TRP C 266 3.68 0.53 -11.72
CA TRP C 266 3.78 1.59 -10.73
C TRP C 266 5.06 1.49 -9.94
N LEU C 267 5.51 2.65 -9.45
CA LEU C 267 6.75 2.77 -8.72
C LEU C 267 6.62 3.68 -7.50
N PRO C 268 6.98 3.18 -6.32
CA PRO C 268 6.70 3.86 -5.08
C PRO C 268 7.83 4.77 -4.62
N VAL C 269 7.47 5.83 -3.91
CA VAL C 269 8.43 6.84 -3.48
C VAL C 269 8.12 7.34 -2.08
N ASP C 270 9.12 7.92 -1.43
CA ASP C 270 8.94 8.43 -0.07
C ASP C 270 8.42 9.87 -0.01
N SER C 271 8.51 10.60 -1.12
CA SER C 271 7.93 11.94 -1.23
C SER C 271 7.95 12.41 -2.67
N LEU C 272 7.02 13.29 -2.98
CA LEU C 272 6.89 13.84 -4.33
C LEU C 272 6.79 15.35 -4.24
N THR C 273 7.54 16.05 -5.09
CA THR C 273 7.58 17.52 -5.06
C THR C 273 7.84 18.14 -6.43
N GLU C 274 7.52 19.43 -6.53
CA GLU C 274 7.86 20.22 -7.71
C GLU C 274 9.35 20.51 -7.71
N ARG C 275 9.92 20.61 -8.90
CA ARG C 275 11.32 20.95 -9.06
C ARG C 275 11.49 22.46 -8.89
N PRO C 276 12.49 22.91 -8.10
CA PRO C 276 12.63 24.28 -7.65
C PRO C 276 11.72 25.33 -8.32
#